data_7XLL
#
_entry.id   7XLL
#
_cell.length_a   107.730
_cell.length_b   125.040
_cell.length_c   56.640
_cell.angle_alpha   90.000
_cell.angle_beta   90.000
_cell.angle_gamma   90.000
#
_symmetry.space_group_name_H-M   'P 21 21 2'
#
loop_
_entity.id
_entity.type
_entity.pdbx_description
1 polymer 'Alanine racemase'
2 non-polymer 'ACETATE ION'
3 non-polymer DI(HYDROXYETHYL)ETHER
4 non-polymer ALANINE
5 water water
#
_entity_poly.entity_id   1
_entity_poly.type   'polypeptide(L)'
_entity_poly.pdbx_seq_one_letter_code
;MTVGYLRPTRILVDQNAIYENIQNELKHLEGTDTVIFPVL(LLP)ANAYGHGLIPVAEVAQAAGASGFCVALLDEALALR
QANFTEPILVLGITQPSEIELAAANQISLTVGSLEWLQEAAEIAQRVPYFHPLHIHLGIDSGMGRIGFRDEAELLAADAF
MKAHPEYFDFEGVFTHFATADDPDDTYFKEQSARFNQLVAVLPKKPRFVHVSNSATSLWHAACNGNVIRMGISLYGLNPS
GAAIPDLPYPLKPALGIESELVFVKQVAAGSKIGYGATYEASEGEWIGTIPMGYADGWLRRMSGSTVLVDGQRCEIVGRI
CMDQMMIRLPKRYPVGTKVVFVGKSGDDEITLQELAEYADTIHYEIICDLSDRIPRVYTGLNEH
;
_entity_poly.pdbx_strand_id   A,B
#
# COMPACT_ATOMS: atom_id res chain seq x y z
N MET A 1 -2.06 -9.97 -1.01
CA MET A 1 -3.40 -9.92 -0.44
C MET A 1 -3.56 -10.90 0.73
N THR A 2 -2.48 -11.58 1.10
CA THR A 2 -2.49 -12.42 2.29
C THR A 2 -2.53 -11.53 3.53
N VAL A 3 -3.49 -11.80 4.42
CA VAL A 3 -3.64 -11.02 5.64
C VAL A 3 -2.83 -11.69 6.75
N GLY A 4 -2.04 -10.90 7.48
CA GLY A 4 -1.18 -11.44 8.51
C GLY A 4 -1.82 -11.63 9.88
N TYR A 5 -2.84 -12.51 9.95
CA TYR A 5 -3.57 -12.71 11.20
C TYR A 5 -2.67 -13.27 12.30
N LEU A 6 -1.74 -14.15 11.93
CA LEU A 6 -0.90 -14.78 12.93
C LEU A 6 0.23 -13.88 13.40
N ARG A 7 0.50 -12.78 12.69
CA ARG A 7 1.52 -11.82 13.10
C ARG A 7 0.92 -10.79 14.06
N PRO A 8 1.65 -10.43 15.10
CA PRO A 8 1.08 -9.51 16.10
C PRO A 8 1.17 -8.05 15.71
N THR A 9 0.99 -7.74 14.43
CA THR A 9 0.87 -6.37 13.96
C THR A 9 -0.56 -6.17 13.50
N ARG A 10 -1.23 -5.14 14.02
CA ARG A 10 -2.67 -4.98 13.87
C ARG A 10 -3.02 -3.52 13.67
N ILE A 11 -4.06 -3.27 12.87
CA ILE A 11 -4.73 -1.99 12.84
C ILE A 11 -6.00 -2.12 13.67
N LEU A 12 -6.20 -1.21 14.63
CA LEU A 12 -7.37 -1.21 15.50
C LEU A 12 -8.33 -0.13 15.01
N VAL A 13 -9.57 -0.51 14.69
CA VAL A 13 -10.56 0.46 14.23
C VAL A 13 -11.68 0.54 15.24
N ASP A 14 -11.88 1.73 15.81
CA ASP A 14 -12.91 1.97 16.83
C ASP A 14 -14.19 2.37 16.12
N GLN A 15 -15.12 1.43 15.95
CA GLN A 15 -16.36 1.76 15.25
C GLN A 15 -17.23 2.69 16.08
N ASN A 16 -17.09 2.67 17.41
CA ASN A 16 -17.82 3.62 18.24
C ASN A 16 -17.38 5.05 17.92
N ALA A 17 -16.09 5.26 17.67
CA ALA A 17 -15.63 6.58 17.29
C ALA A 17 -16.27 7.02 15.99
N ILE A 18 -16.28 6.14 14.99
CA ILE A 18 -16.88 6.50 13.70
C ILE A 18 -18.36 6.84 13.90
N TYR A 19 -19.06 6.01 14.66
CA TYR A 19 -20.47 6.26 14.95
C TYR A 19 -20.68 7.63 15.58
N GLU A 20 -19.84 8.00 16.56
CA GLU A 20 -19.98 9.30 17.21
C GLU A 20 -19.64 10.46 16.28
N ASN A 21 -18.63 10.29 15.42
CA ASN A 21 -18.27 11.37 14.49
C ASN A 21 -19.43 11.66 13.54
N ILE A 22 -20.02 10.61 12.97
CA ILE A 22 -21.16 10.79 12.06
C ILE A 22 -22.34 11.40 12.79
N GLN A 23 -22.64 10.91 14.00
CA GLN A 23 -23.76 11.43 14.76
C GLN A 23 -23.55 12.89 15.10
N ASN A 24 -22.32 13.30 15.36
CA ASN A 24 -22.06 14.71 15.63
C ASN A 24 -22.30 15.56 14.39
N GLU A 25 -21.96 15.05 13.21
CA GLU A 25 -22.24 15.82 12.01
C GLU A 25 -23.74 15.88 11.75
N LEU A 26 -24.48 14.79 12.01
CA LEU A 26 -25.93 14.86 11.89
C LEU A 26 -26.51 15.93 12.80
N LYS A 27 -26.00 16.01 14.03
CA LYS A 27 -26.45 17.06 14.95
CA LYS A 27 -26.46 17.06 14.94
C LYS A 27 -26.12 18.44 14.39
N HIS A 28 -24.93 18.59 13.83
CA HIS A 28 -24.48 19.83 13.21
C HIS A 28 -25.41 20.25 12.08
N LEU A 29 -26.04 19.28 11.41
CA LEU A 29 -26.90 19.52 10.26
C LEU A 29 -28.36 19.78 10.63
N GLU A 30 -28.74 19.63 11.89
CA GLU A 30 -30.15 19.73 12.24
C GLU A 30 -30.72 21.09 11.85
N GLY A 31 -32.00 21.12 11.52
CA GLY A 31 -32.61 22.33 11.01
C GLY A 31 -32.44 22.53 9.53
N THR A 32 -31.74 21.62 8.85
CA THR A 32 -31.72 21.53 7.41
C THR A 32 -32.15 20.12 7.01
N ASP A 33 -32.35 19.93 5.70
CA ASP A 33 -32.65 18.60 5.18
C ASP A 33 -31.40 17.89 4.67
N THR A 34 -30.21 18.45 4.91
CA THR A 34 -28.96 17.88 4.45
C THR A 34 -28.78 16.46 5.00
N VAL A 35 -28.37 15.55 4.12
CA VAL A 35 -28.08 14.17 4.52
C VAL A 35 -26.59 13.93 4.32
N ILE A 36 -26.11 12.80 4.84
CA ILE A 36 -24.70 12.46 4.79
C ILE A 36 -24.53 11.23 3.90
N PHE A 37 -23.66 11.34 2.90
CA PHE A 37 -23.15 10.21 2.11
C PHE A 37 -21.68 9.99 2.48
N PRO A 38 -21.38 9.10 3.44
CA PRO A 38 -19.98 8.85 3.79
C PRO A 38 -19.15 8.45 2.57
N VAL A 39 -17.90 8.91 2.57
CA VAL A 39 -16.96 8.67 1.48
C VAL A 39 -16.08 7.49 1.88
N LEU A 40 -16.22 6.39 1.16
CA LEU A 40 -15.60 5.12 1.55
C LEU A 40 -14.55 4.67 0.56
N ALA A 42 -11.01 3.98 -1.40
CA ALA A 42 -9.71 3.49 -0.93
C ALA A 42 -9.84 2.60 0.30
N ASN A 43 -10.73 1.62 0.22
CA ASN A 43 -10.97 0.68 1.32
C ASN A 43 -11.35 1.43 2.59
N ALA A 44 -12.27 2.39 2.43
CA ALA A 44 -12.69 3.29 3.51
C ALA A 44 -11.50 3.94 4.18
N TYR A 45 -10.67 4.58 3.35
CA TYR A 45 -9.48 5.28 3.85
C TYR A 45 -8.61 4.35 4.68
N GLY A 46 -8.45 3.11 4.20
CA GLY A 46 -7.66 2.12 4.90
C GLY A 46 -8.32 1.48 6.11
N HIS A 47 -9.53 1.92 6.50
CA HIS A 47 -10.18 1.36 7.68
C HIS A 47 -11.00 0.11 7.40
N GLY A 48 -11.31 -0.18 6.14
CA GLY A 48 -12.05 -1.38 5.79
C GLY A 48 -13.42 -1.06 5.24
N LEU A 49 -13.63 -1.32 3.95
CA LEU A 49 -14.80 -0.82 3.24
C LEU A 49 -16.11 -1.30 3.88
N ILE A 50 -16.27 -2.61 4.06
CA ILE A 50 -17.55 -3.13 4.52
C ILE A 50 -17.77 -2.82 6.00
N PRO A 51 -16.80 -3.06 6.91
CA PRO A 51 -17.05 -2.71 8.31
C PRO A 51 -17.36 -1.23 8.53
N VAL A 52 -16.72 -0.32 7.81
CA VAL A 52 -17.03 1.10 7.94
C VAL A 52 -18.42 1.39 7.38
N ALA A 53 -18.78 0.75 6.25
CA ALA A 53 -20.11 0.96 5.70
C ALA A 53 -21.19 0.47 6.67
N GLU A 54 -20.92 -0.61 7.40
CA GLU A 54 -21.89 -1.14 8.35
C GLU A 54 -22.13 -0.14 9.49
N VAL A 55 -21.06 0.43 10.06
CA VAL A 55 -21.27 1.36 11.16
C VAL A 55 -21.85 2.67 10.64
N ALA A 56 -21.42 3.09 9.45
CA ALA A 56 -21.94 4.33 8.89
C ALA A 56 -23.44 4.22 8.66
N GLN A 57 -23.90 3.06 8.18
CA GLN A 57 -25.32 2.82 8.01
C GLN A 57 -26.05 2.86 9.35
N ALA A 58 -25.48 2.18 10.36
CA ALA A 58 -26.08 2.24 11.69
C ALA A 58 -26.12 3.67 12.23
N ALA A 59 -25.12 4.49 11.88
CA ALA A 59 -25.06 5.84 12.40
C ALA A 59 -25.97 6.81 11.67
N GLY A 60 -26.63 6.40 10.58
CA GLY A 60 -27.54 7.29 9.88
C GLY A 60 -27.14 7.72 8.48
N ALA A 61 -26.14 7.09 7.87
CA ALA A 61 -25.81 7.39 6.48
C ALA A 61 -27.01 7.18 5.58
N SER A 62 -27.18 8.08 4.59
CA SER A 62 -28.27 7.98 3.63
C SER A 62 -27.82 7.46 2.27
N GLY A 63 -26.51 7.36 2.05
CA GLY A 63 -25.92 6.93 0.79
C GLY A 63 -24.42 6.85 0.98
N PHE A 64 -23.73 6.40 -0.08
CA PHE A 64 -22.28 6.28 -0.01
C PHE A 64 -21.61 6.86 -1.25
N CYS A 65 -20.37 7.34 -1.07
CA CYS A 65 -19.52 7.79 -2.17
C CYS A 65 -18.28 6.93 -2.24
N VAL A 66 -17.91 6.53 -3.45
CA VAL A 66 -16.70 5.73 -3.67
C VAL A 66 -15.95 6.33 -4.85
N ALA A 67 -14.71 5.85 -5.06
CA ALA A 67 -13.90 6.36 -6.17
C ALA A 67 -14.10 5.59 -7.46
N LEU A 68 -14.36 4.28 -7.36
CA LEU A 68 -14.34 3.36 -8.51
C LEU A 68 -15.64 2.58 -8.58
N LEU A 69 -16.05 2.26 -9.81
CA LEU A 69 -17.16 1.32 -10.02
C LEU A 69 -16.95 0.01 -9.26
N ASP A 70 -15.71 -0.50 -9.21
CA ASP A 70 -15.46 -1.75 -8.51
C ASP A 70 -15.82 -1.66 -7.04
N GLU A 71 -15.56 -0.49 -6.42
CA GLU A 71 -15.88 -0.31 -5.02
C GLU A 71 -17.39 -0.26 -4.80
N ALA A 72 -18.12 0.41 -5.71
CA ALA A 72 -19.58 0.41 -5.63
C ALA A 72 -20.13 -0.99 -5.80
N LEU A 73 -19.60 -1.75 -6.76
CA LEU A 73 -20.06 -3.11 -6.94
C LEU A 73 -19.80 -3.95 -5.69
N ALA A 74 -18.69 -3.68 -5.01
CA ALA A 74 -18.37 -4.43 -3.79
C ALA A 74 -19.39 -4.15 -2.70
N LEU A 75 -19.85 -2.90 -2.59
CA LEU A 75 -20.90 -2.56 -1.64
C LEU A 75 -22.22 -3.25 -1.99
N ARG A 76 -22.60 -3.24 -3.27
CA ARG A 76 -23.82 -3.93 -3.67
C ARG A 76 -23.72 -5.42 -3.35
N GLN A 77 -22.53 -6.00 -3.57
CA GLN A 77 -22.37 -7.44 -3.34
C GLN A 77 -22.39 -7.78 -1.87
N ALA A 78 -22.11 -6.81 -0.99
CA ALA A 78 -22.32 -6.95 0.45
C ALA A 78 -23.73 -6.55 0.87
N ASN A 79 -24.65 -6.45 -0.07
CA ASN A 79 -26.08 -6.27 0.19
C ASN A 79 -26.43 -4.88 0.70
N PHE A 80 -25.60 -3.86 0.45
CA PHE A 80 -26.04 -2.49 0.68
C PHE A 80 -26.93 -2.04 -0.48
N THR A 81 -28.04 -1.39 -0.14
CA THR A 81 -29.04 -0.99 -1.14
C THR A 81 -29.21 0.51 -1.23
N GLU A 82 -28.45 1.29 -0.47
CA GLU A 82 -28.51 2.75 -0.51
C GLU A 82 -27.94 3.27 -1.82
N PRO A 83 -28.26 4.51 -2.18
CA PRO A 83 -27.58 5.13 -3.34
C PRO A 83 -26.07 5.11 -3.13
N ILE A 84 -25.34 4.85 -4.22
CA ILE A 84 -23.88 4.86 -4.21
C ILE A 84 -23.43 5.70 -5.39
N LEU A 85 -22.63 6.72 -5.11
CA LEU A 85 -22.08 7.59 -6.14
C LEU A 85 -20.62 7.25 -6.37
N VAL A 86 -20.27 6.92 -7.62
CA VAL A 86 -18.89 6.82 -8.04
C VAL A 86 -18.41 8.23 -8.38
N LEU A 87 -17.40 8.70 -7.65
CA LEU A 87 -16.94 10.09 -7.77
C LEU A 87 -15.99 10.31 -8.94
N GLY A 88 -15.26 9.26 -9.35
CA GLY A 88 -14.40 9.35 -10.52
C GLY A 88 -15.13 9.06 -11.83
N ILE A 89 -14.40 9.18 -12.92
CA ILE A 89 -14.93 8.92 -14.25
C ILE A 89 -15.00 7.42 -14.48
N THR A 90 -16.19 6.94 -14.85
CA THR A 90 -16.37 5.56 -15.30
C THR A 90 -16.50 5.59 -16.81
N GLN A 91 -15.73 4.74 -17.50
N GLN A 91 -15.74 4.74 -17.50
CA GLN A 91 -15.76 4.79 -18.95
CA GLN A 91 -15.74 4.84 -18.94
C GLN A 91 -17.13 4.36 -19.45
C GLN A 91 -17.07 4.32 -19.49
N PRO A 92 -17.60 4.93 -20.57
CA PRO A 92 -18.95 4.59 -21.04
C PRO A 92 -19.16 3.12 -21.34
N SER A 93 -18.09 2.37 -21.65
CA SER A 93 -18.26 0.96 -21.95
C SER A 93 -18.81 0.16 -20.77
N GLU A 94 -18.77 0.71 -19.55
CA GLU A 94 -19.21 0.03 -18.35
CA GLU A 94 -19.24 -0.01 -18.39
C GLU A 94 -20.60 0.46 -17.88
N ILE A 95 -21.35 1.19 -18.71
CA ILE A 95 -22.63 1.69 -18.21
C ILE A 95 -23.64 0.58 -17.94
N GLU A 96 -23.56 -0.55 -18.66
CA GLU A 96 -24.53 -1.61 -18.37
C GLU A 96 -24.32 -2.16 -16.97
N LEU A 97 -23.06 -2.26 -16.53
CA LEU A 97 -22.80 -2.71 -15.17
C LEU A 97 -23.35 -1.72 -14.15
N ALA A 98 -23.14 -0.43 -14.39
CA ALA A 98 -23.64 0.57 -13.46
C ALA A 98 -25.16 0.56 -13.42
N ALA A 99 -25.82 0.50 -14.57
CA ALA A 99 -27.28 0.56 -14.57
C ALA A 99 -27.88 -0.69 -13.91
N ALA A 100 -27.30 -1.87 -14.17
CA ALA A 100 -27.87 -3.09 -13.60
C ALA A 100 -27.70 -3.16 -12.08
N ASN A 101 -26.78 -2.40 -11.52
CA ASN A 101 -26.52 -2.40 -10.09
C ASN A 101 -26.90 -1.07 -9.43
N GLN A 102 -27.69 -0.25 -10.15
CA GLN A 102 -28.17 1.05 -9.65
C GLN A 102 -27.05 1.88 -9.05
N ILE A 103 -25.92 1.94 -9.74
CA ILE A 103 -24.77 2.73 -9.30
C ILE A 103 -24.82 4.08 -9.99
N SER A 104 -24.78 5.15 -9.19
CA SER A 104 -24.81 6.50 -9.72
C SER A 104 -23.42 6.90 -10.20
N LEU A 105 -23.36 7.59 -11.34
CA LEU A 105 -22.09 7.85 -12.02
C LEU A 105 -21.84 9.34 -12.16
N THR A 106 -20.59 9.74 -11.92
CA THR A 106 -20.15 11.12 -12.15
C THR A 106 -19.82 11.30 -13.63
N VAL A 107 -20.34 12.39 -14.22
CA VAL A 107 -20.16 12.68 -15.63
C VAL A 107 -19.69 14.11 -15.74
N GLY A 108 -18.60 14.32 -16.49
CA GLY A 108 -18.03 15.66 -16.54
C GLY A 108 -18.00 16.28 -17.92
N SER A 109 -18.65 15.64 -18.90
CA SER A 109 -18.58 16.13 -20.27
C SER A 109 -19.80 15.68 -21.06
N LEU A 110 -20.19 16.51 -22.05
CA LEU A 110 -21.24 16.10 -22.96
C LEU A 110 -20.80 14.89 -23.80
N GLU A 111 -19.51 14.83 -24.13
CA GLU A 111 -18.97 13.72 -24.93
C GLU A 111 -19.25 12.38 -24.26
N TRP A 112 -19.08 12.30 -22.93
CA TRP A 112 -19.37 11.07 -22.21
C TRP A 112 -20.82 10.65 -22.45
N LEU A 113 -21.75 11.59 -22.29
CA LEU A 113 -23.17 11.28 -22.48
C LEU A 113 -23.45 10.81 -23.90
N GLN A 114 -22.86 11.48 -24.90
CA GLN A 114 -23.05 11.05 -26.29
C GLN A 114 -22.55 9.62 -26.50
N GLU A 115 -21.36 9.31 -25.96
CA GLU A 115 -20.84 7.96 -26.09
C GLU A 115 -21.69 6.95 -25.35
N ALA A 116 -22.16 7.30 -24.15
CA ALA A 116 -22.98 6.37 -23.39
C ALA A 116 -24.30 6.09 -24.08
N ALA A 117 -24.89 7.12 -24.70
CA ALA A 117 -26.15 6.92 -25.40
C ALA A 117 -25.98 5.99 -26.59
N GLU A 118 -24.86 6.11 -27.32
CA GLU A 118 -24.63 5.20 -28.44
C GLU A 118 -24.57 3.75 -27.98
N ILE A 119 -23.93 3.52 -26.82
CA ILE A 119 -23.86 2.17 -26.26
C ILE A 119 -25.24 1.72 -25.78
N ALA A 120 -25.92 2.57 -25.02
CA ALA A 120 -27.19 2.17 -24.42
C ALA A 120 -28.25 1.88 -25.47
N GLN A 121 -28.18 2.58 -26.61
CA GLN A 121 -29.17 2.41 -27.65
C GLN A 121 -29.19 0.98 -28.18
N ARG A 122 -28.07 0.27 -28.06
CA ARG A 122 -27.95 -1.11 -28.54
C ARG A 122 -28.32 -2.15 -27.49
N VAL A 123 -28.70 -1.74 -26.29
CA VAL A 123 -28.95 -2.67 -25.19
C VAL A 123 -30.45 -2.87 -25.05
N PRO A 124 -30.99 -4.05 -25.37
CA PRO A 124 -32.42 -4.28 -25.13
C PRO A 124 -32.72 -4.19 -23.65
N TYR A 125 -33.87 -3.62 -23.32
CA TYR A 125 -34.38 -3.59 -21.95
C TYR A 125 -33.49 -2.75 -21.02
N PHE A 126 -32.77 -1.77 -21.56
CA PHE A 126 -31.91 -0.92 -20.75
C PHE A 126 -32.74 -0.10 -19.76
N HIS A 127 -32.24 0.03 -18.52
CA HIS A 127 -32.84 0.86 -17.49
C HIS A 127 -31.96 2.08 -17.22
N PRO A 128 -32.56 3.25 -16.95
CA PRO A 128 -31.78 4.48 -16.96
C PRO A 128 -30.67 4.51 -15.91
N LEU A 129 -29.59 5.19 -16.27
CA LEU A 129 -28.47 5.48 -15.37
C LEU A 129 -28.80 6.67 -14.48
N HIS A 130 -28.36 6.62 -13.23
CA HIS A 130 -28.48 7.78 -12.34
C HIS A 130 -27.21 8.61 -12.44
N ILE A 131 -27.33 9.83 -12.96
CA ILE A 131 -26.19 10.65 -13.35
C ILE A 131 -26.02 11.81 -12.38
N HIS A 132 -24.79 12.04 -11.93
CA HIS A 132 -24.40 13.29 -11.27
C HIS A 132 -23.47 14.03 -12.21
N LEU A 133 -23.82 15.28 -12.58
CA LEU A 133 -22.93 16.13 -13.36
C LEU A 133 -21.90 16.74 -12.44
N GLY A 134 -20.62 16.46 -12.70
CA GLY A 134 -19.54 17.06 -11.94
C GLY A 134 -19.16 18.39 -12.57
N ILE A 135 -19.18 19.44 -11.75
CA ILE A 135 -18.79 20.77 -12.18
C ILE A 135 -17.42 21.06 -11.61
N ASP A 136 -16.50 21.50 -12.48
CA ASP A 136 -15.16 21.93 -12.09
C ASP A 136 -15.25 23.42 -11.82
N SER A 137 -15.29 23.78 -10.54
CA SER A 137 -15.36 25.17 -10.13
C SER A 137 -13.99 25.73 -9.77
N GLY A 138 -12.93 24.97 -10.00
CA GLY A 138 -11.60 25.49 -9.73
C GLY A 138 -10.64 24.47 -9.13
N MET A 139 -11.09 23.22 -8.99
CA MET A 139 -10.16 22.16 -8.59
C MET A 139 -9.32 21.69 -9.78
N GLY A 140 -9.85 21.81 -11.00
CA GLY A 140 -9.08 21.46 -12.19
C GLY A 140 -8.93 19.98 -12.45
N ARG A 141 -9.77 19.16 -11.82
CA ARG A 141 -9.61 17.71 -11.87
C ARG A 141 -10.47 17.12 -12.98
N ILE A 142 -11.78 17.00 -12.72
CA ILE A 142 -12.75 16.64 -13.74
C ILE A 142 -13.95 17.58 -13.63
N GLY A 143 -14.72 17.64 -14.72
CA GLY A 143 -16.02 18.30 -14.68
C GLY A 143 -16.13 19.45 -15.67
N PHE A 144 -17.38 19.88 -15.85
CA PHE A 144 -17.70 20.97 -16.75
C PHE A 144 -17.08 22.27 -16.24
N ARG A 145 -16.64 23.12 -17.17
CA ARG A 145 -15.98 24.37 -16.83
C ARG A 145 -16.66 25.58 -17.48
N ASP A 146 -17.81 25.39 -18.13
CA ASP A 146 -18.54 26.57 -18.60
C ASP A 146 -20.03 26.26 -18.67
N GLU A 147 -20.82 27.35 -18.74
CA GLU A 147 -22.27 27.24 -18.73
CA GLU A 147 -22.26 27.23 -18.72
C GLU A 147 -22.78 26.49 -19.95
N ALA A 148 -22.16 26.74 -21.10
CA ALA A 148 -22.68 26.24 -22.37
C ALA A 148 -22.70 24.73 -22.38
N GLU A 149 -21.58 24.09 -22.06
CA GLU A 149 -21.55 22.64 -22.13
C GLU A 149 -22.39 22.02 -21.03
N LEU A 150 -22.43 22.64 -19.84
CA LEU A 150 -23.28 22.16 -18.78
C LEU A 150 -24.73 22.10 -19.24
N LEU A 151 -25.24 23.19 -19.82
CA LEU A 151 -26.63 23.19 -20.29
C LEU A 151 -26.82 22.19 -21.43
N ALA A 152 -25.80 22.02 -22.28
CA ALA A 152 -25.91 21.04 -23.35
C ALA A 152 -26.05 19.63 -22.79
N ALA A 153 -25.33 19.33 -21.71
CA ALA A 153 -25.47 18.04 -21.05
C ALA A 153 -26.85 17.90 -20.42
N ASP A 154 -27.31 18.95 -19.73
CA ASP A 154 -28.67 18.96 -19.19
C ASP A 154 -29.69 18.66 -20.29
N ALA A 155 -29.56 19.34 -21.43
CA ALA A 155 -30.49 19.15 -22.54
C ALA A 155 -30.40 17.73 -23.10
N PHE A 156 -29.19 17.19 -23.18
CA PHE A 156 -29.04 15.86 -23.77
C PHE A 156 -29.71 14.80 -22.92
N MET A 157 -29.61 14.91 -21.59
CA MET A 157 -30.29 13.96 -20.73
C MET A 157 -31.80 14.09 -20.83
N LYS A 158 -32.29 15.33 -20.96
CA LYS A 158 -33.73 15.54 -21.16
C LYS A 158 -34.19 14.92 -22.48
N ALA A 159 -33.32 14.90 -23.50
CA ALA A 159 -33.68 14.29 -24.77
C ALA A 159 -33.65 12.77 -24.71
N HIS A 160 -33.02 12.19 -23.69
CA HIS A 160 -32.85 10.73 -23.63
C HIS A 160 -33.14 10.22 -22.22
N PRO A 161 -34.38 10.40 -21.74
CA PRO A 161 -34.72 9.89 -20.41
C PRO A 161 -34.68 8.37 -20.33
N GLU A 162 -34.76 7.67 -21.46
CA GLU A 162 -34.63 6.22 -21.44
C GLU A 162 -33.22 5.78 -21.03
N TYR A 163 -32.23 6.66 -21.13
CA TYR A 163 -30.88 6.29 -20.71
C TYR A 163 -30.40 7.01 -19.46
N PHE A 164 -30.89 8.22 -19.20
CA PHE A 164 -30.31 9.05 -18.16
C PHE A 164 -31.36 9.58 -17.22
N ASP A 165 -31.10 9.44 -15.93
CA ASP A 165 -31.83 10.11 -14.86
C ASP A 165 -30.90 11.15 -14.25
N PHE A 166 -31.21 12.43 -14.45
CA PHE A 166 -30.40 13.51 -13.89
C PHE A 166 -30.63 13.54 -12.38
N GLU A 167 -29.73 12.89 -11.63
CA GLU A 167 -29.91 12.70 -10.19
C GLU A 167 -29.16 13.71 -9.33
N GLY A 168 -28.00 14.18 -9.77
CA GLY A 168 -27.25 15.11 -8.95
C GLY A 168 -26.39 16.06 -9.76
N VAL A 169 -25.95 17.13 -9.10
CA VAL A 169 -24.94 18.04 -9.61
C VAL A 169 -24.05 18.42 -8.45
N PHE A 170 -22.74 18.48 -8.69
CA PHE A 170 -21.81 18.72 -7.57
C PHE A 170 -20.52 19.36 -8.04
N THR A 171 -19.76 19.86 -7.07
CA THR A 171 -18.39 20.29 -7.29
C THR A 171 -17.58 19.92 -6.07
N HIS A 172 -16.27 20.16 -6.16
CA HIS A 172 -15.33 19.81 -5.10
C HIS A 172 -14.36 20.96 -4.91
N PHE A 173 -14.05 21.26 -3.65
CA PHE A 173 -13.23 22.42 -3.32
C PHE A 173 -11.77 22.01 -3.11
N ALA A 174 -10.87 22.83 -3.64
CA ALA A 174 -9.44 22.59 -3.50
C ALA A 174 -8.88 23.11 -2.18
N THR A 175 -9.55 24.08 -1.53
CA THR A 175 -8.95 24.77 -0.40
C THR A 175 -9.95 25.03 0.71
N ALA A 176 -10.94 24.15 0.90
CA ALA A 176 -11.90 24.38 1.98
C ALA A 176 -11.27 24.22 3.36
N ASP A 177 -10.07 23.66 3.44
CA ASP A 177 -9.35 23.47 4.70
C ASP A 177 -8.22 24.47 4.86
N ASP A 178 -8.25 25.56 4.09
CA ASP A 178 -7.22 26.60 4.09
C ASP A 178 -7.65 27.73 5.01
N PRO A 179 -6.78 28.19 5.93
CA PRO A 179 -7.14 29.37 6.73
C PRO A 179 -7.45 30.59 5.90
N ASP A 180 -6.96 30.63 4.67
CA ASP A 180 -7.28 31.69 3.73
C ASP A 180 -8.43 31.21 2.84
N ASP A 181 -9.59 31.88 2.93
CA ASP A 181 -10.75 31.39 2.20
C ASP A 181 -10.97 32.09 0.86
N THR A 182 -9.98 32.85 0.38
CA THR A 182 -10.13 33.56 -0.88
C THR A 182 -10.51 32.62 -2.02
N TYR A 183 -9.74 31.55 -2.22
CA TYR A 183 -10.02 30.67 -3.35
C TYR A 183 -11.28 29.86 -3.14
N PHE A 184 -11.57 29.46 -1.89
CA PHE A 184 -12.83 28.78 -1.60
C PHE A 184 -14.02 29.66 -2.02
N LYS A 185 -13.98 30.94 -1.66
CA LYS A 185 -15.07 31.84 -2.03
C LYS A 185 -15.16 31.99 -3.54
N GLU A 186 -14.02 32.03 -4.22
CA GLU A 186 -14.04 32.08 -5.69
C GLU A 186 -14.73 30.85 -6.27
N GLN A 187 -14.37 29.67 -5.75
CA GLN A 187 -14.95 28.43 -6.26
C GLN A 187 -16.44 28.37 -5.96
N SER A 188 -16.84 28.78 -4.75
CA SER A 188 -18.26 28.71 -4.40
C SER A 188 -19.08 29.65 -5.28
N ALA A 189 -18.56 30.87 -5.53
CA ALA A 189 -19.26 31.79 -6.43
C ALA A 189 -19.33 31.22 -7.83
N ARG A 190 -18.27 30.55 -8.27
CA ARG A 190 -18.24 29.98 -9.61
C ARG A 190 -19.23 28.83 -9.76
N PHE A 191 -19.31 27.95 -8.76
CA PHE A 191 -20.29 26.87 -8.81
C PHE A 191 -21.71 27.44 -8.88
N ASN A 192 -21.98 28.44 -8.03
CA ASN A 192 -23.32 29.04 -7.98
C ASN A 192 -23.67 29.67 -9.32
N GLN A 193 -22.71 30.36 -9.94
CA GLN A 193 -22.93 30.90 -11.28
C GLN A 193 -23.23 29.79 -12.29
N LEU A 194 -22.45 28.71 -12.24
CA LEU A 194 -22.64 27.65 -13.23
C LEU A 194 -23.94 26.89 -13.00
N VAL A 195 -24.26 26.54 -11.74
CA VAL A 195 -25.48 25.76 -11.56
C VAL A 195 -26.71 26.60 -11.81
N ALA A 196 -26.57 27.92 -11.80
CA ALA A 196 -27.71 28.79 -12.06
C ALA A 196 -28.24 28.65 -13.47
N VAL A 197 -27.44 28.17 -14.42
CA VAL A 197 -27.99 27.99 -15.76
C VAL A 197 -28.89 26.77 -15.88
N LEU A 198 -28.87 25.87 -14.91
CA LEU A 198 -29.74 24.71 -14.98
C LEU A 198 -31.17 25.17 -14.75
N PRO A 199 -32.11 24.89 -15.66
CA PRO A 199 -33.50 25.34 -15.44
C PRO A 199 -34.11 24.75 -14.19
N LYS A 200 -33.80 23.49 -13.92
CA LYS A 200 -34.36 22.76 -12.79
C LYS A 200 -33.23 21.97 -12.15
N LYS A 201 -33.11 22.07 -10.83
CA LYS A 201 -32.05 21.34 -10.15
C LYS A 201 -32.44 19.87 -10.00
N PRO A 202 -31.46 18.97 -9.96
CA PRO A 202 -31.72 17.57 -9.67
C PRO A 202 -31.94 17.40 -8.17
N ARG A 203 -32.19 16.15 -7.77
CA ARG A 203 -32.59 15.93 -6.38
C ARG A 203 -31.42 16.10 -5.40
N PHE A 204 -30.19 15.86 -5.85
CA PHE A 204 -29.00 16.06 -5.04
C PHE A 204 -28.18 17.24 -5.59
N VAL A 205 -27.91 18.22 -4.74
CA VAL A 205 -27.04 19.34 -5.07
C VAL A 205 -26.01 19.40 -3.94
N HIS A 206 -24.74 19.10 -4.27
CA HIS A 206 -23.79 18.88 -3.19
C HIS A 206 -22.41 19.43 -3.54
N VAL A 207 -21.73 19.98 -2.55
CA VAL A 207 -20.43 20.62 -2.73
C VAL A 207 -19.46 20.27 -1.61
N SER A 208 -19.94 19.61 -0.55
CA SER A 208 -19.26 19.65 0.74
C SER A 208 -18.42 18.38 0.96
N ASN A 209 -17.10 18.55 1.07
CA ASN A 209 -16.26 17.54 1.73
C ASN A 209 -16.31 17.80 3.23
N SER A 210 -15.48 17.09 4.02
CA SER A 210 -15.47 17.28 5.47
C SER A 210 -15.19 18.73 5.84
N ALA A 211 -14.16 19.33 5.23
CA ALA A 211 -13.75 20.68 5.59
C ALA A 211 -14.85 21.68 5.30
N THR A 212 -15.55 21.51 4.17
CA THR A 212 -16.66 22.40 3.86
C THR A 212 -17.75 22.27 4.92
N SER A 213 -18.12 21.04 5.27
CA SER A 213 -19.13 20.83 6.30
C SER A 213 -18.70 21.40 7.65
N LEU A 214 -17.40 21.36 7.97
CA LEU A 214 -16.95 21.79 9.29
C LEU A 214 -16.87 23.30 9.42
N TRP A 215 -16.35 23.98 8.39
CA TRP A 215 -15.97 25.38 8.49
C TRP A 215 -16.67 26.29 7.49
N HIS A 216 -17.42 25.75 6.55
CA HIS A 216 -18.14 26.52 5.55
C HIS A 216 -19.57 26.01 5.43
N ALA A 217 -20.21 25.74 6.57
CA ALA A 217 -21.48 25.02 6.55
C ALA A 217 -22.56 25.82 5.82
N ALA A 218 -22.49 27.15 5.84
CA ALA A 218 -23.47 27.94 5.12
C ALA A 218 -23.46 27.63 3.62
N CYS A 219 -22.39 27.06 3.09
CA CYS A 219 -22.35 26.70 1.67
C CYS A 219 -22.81 25.28 1.40
N ASN A 220 -23.20 24.51 2.42
CA ASN A 220 -23.69 23.16 2.17
C ASN A 220 -24.86 23.17 1.20
N GLY A 221 -24.88 22.19 0.29
CA GLY A 221 -26.10 21.81 -0.40
C GLY A 221 -26.88 20.83 0.46
N ASN A 222 -27.48 19.80 -0.14
CA ASN A 222 -28.32 18.90 0.63
C ASN A 222 -27.70 17.52 0.80
N VAL A 223 -26.43 17.33 0.42
CA VAL A 223 -25.67 16.14 0.77
C VAL A 223 -24.29 16.57 1.26
N ILE A 224 -23.83 15.95 2.35
CA ILE A 224 -22.44 16.07 2.81
C ILE A 224 -21.70 14.81 2.36
N ARG A 225 -20.63 14.99 1.58
CA ARG A 225 -19.74 13.88 1.21
C ARG A 225 -18.67 13.78 2.31
N MET A 226 -19.06 13.17 3.42
CA MET A 226 -18.26 13.19 4.64
C MET A 226 -17.16 12.14 4.55
N GLY A 227 -15.92 12.60 4.48
CA GLY A 227 -14.77 11.72 4.37
C GLY A 227 -13.92 11.69 5.63
N ILE A 228 -12.78 12.40 5.59
CA ILE A 228 -11.76 12.29 6.64
C ILE A 228 -12.33 12.53 8.04
N SER A 229 -13.32 13.43 8.19
CA SER A 229 -13.83 13.69 9.53
C SER A 229 -14.58 12.49 10.09
N LEU A 230 -15.16 11.66 9.23
CA LEU A 230 -15.83 10.46 9.73
C LEU A 230 -14.82 9.55 10.43
N TYR A 231 -13.60 9.49 9.92
CA TYR A 231 -12.53 8.71 10.53
C TYR A 231 -11.91 9.40 11.73
N GLY A 232 -12.40 10.58 12.10
CA GLY A 232 -11.98 11.26 13.30
C GLY A 232 -10.74 12.11 13.17
N LEU A 233 -10.40 12.56 11.97
CA LEU A 233 -9.19 13.31 11.72
C LEU A 233 -9.52 14.71 11.22
N ASN A 234 -8.75 15.69 11.67
CA ASN A 234 -8.94 17.07 11.24
C ASN A 234 -8.56 17.19 9.77
N PRO A 235 -9.49 17.55 8.89
CA PRO A 235 -9.15 17.63 7.44
C PRO A 235 -7.95 18.50 7.15
N SER A 236 -7.74 19.54 7.93
CA SER A 236 -6.70 20.54 7.67
C SER A 236 -5.34 20.12 8.21
N GLY A 237 -5.25 18.96 8.85
CA GLY A 237 -4.07 18.60 9.61
C GLY A 237 -4.06 19.39 10.89
N ALA A 238 -3.29 20.47 10.91
CA ALA A 238 -3.29 21.42 12.00
C ALA A 238 -3.62 22.84 11.56
N ALA A 239 -3.91 23.05 10.27
CA ALA A 239 -4.01 24.43 9.76
C ALA A 239 -5.21 25.16 10.36
N ILE A 240 -6.32 24.45 10.55
CA ILE A 240 -7.51 25.02 11.19
C ILE A 240 -7.75 24.20 12.46
N PRO A 241 -7.19 24.61 13.59
CA PRO A 241 -7.22 23.73 14.78
C PRO A 241 -8.59 23.62 15.44
N ASP A 242 -9.48 24.60 15.29
CA ASP A 242 -10.74 24.56 16.01
C ASP A 242 -11.82 23.91 15.16
N LEU A 243 -12.63 23.07 15.82
CA LEU A 243 -13.68 22.28 15.19
C LEU A 243 -15.04 22.61 15.80
N PRO A 244 -16.12 22.52 15.01
CA PRO A 244 -17.46 22.76 15.57
C PRO A 244 -17.92 21.68 16.54
N TYR A 245 -17.32 20.50 16.51
CA TYR A 245 -17.59 19.42 17.45
C TYR A 245 -16.34 18.55 17.54
N PRO A 246 -16.23 17.73 18.58
CA PRO A 246 -15.01 16.93 18.72
C PRO A 246 -14.97 15.78 17.72
N LEU A 247 -13.77 15.49 17.25
CA LEU A 247 -13.51 14.35 16.38
C LEU A 247 -12.79 13.27 17.18
N LYS A 248 -13.30 12.04 17.12
CA LYS A 248 -12.68 10.95 17.84
C LYS A 248 -11.89 10.09 16.85
N PRO A 249 -10.56 10.03 16.93
CA PRO A 249 -9.80 9.26 15.95
C PRO A 249 -10.17 7.79 16.01
N ALA A 250 -10.41 7.21 14.82
CA ALA A 250 -10.90 5.84 14.78
C ALA A 250 -9.80 4.79 14.67
N LEU A 251 -8.59 5.14 14.26
CA LEU A 251 -7.58 4.17 13.89
C LEU A 251 -6.38 4.20 14.83
N GLY A 252 -5.95 3.00 15.26
CA GLY A 252 -4.69 2.85 15.95
C GLY A 252 -3.91 1.72 15.31
N ILE A 253 -2.61 1.67 15.61
CA ILE A 253 -1.72 0.64 15.05
C ILE A 253 -0.82 0.13 16.16
N GLU A 254 -0.73 -1.20 16.30
CA GLU A 254 0.10 -1.82 17.33
C GLU A 254 0.83 -3.03 16.78
N SER A 255 1.95 -3.34 17.43
CA SER A 255 2.69 -4.55 17.13
C SER A 255 3.29 -5.07 18.43
N GLU A 256 4.31 -5.93 18.32
CA GLU A 256 5.00 -6.48 19.49
C GLU A 256 6.47 -6.65 19.14
N LEU A 257 7.32 -6.61 20.16
CA LEU A 257 8.71 -6.99 19.99
C LEU A 257 8.80 -8.48 19.70
N VAL A 258 9.54 -8.85 18.65
CA VAL A 258 9.79 -10.26 18.36
C VAL A 258 11.23 -10.68 18.62
N PHE A 259 12.09 -9.74 19.01
CA PHE A 259 13.49 -10.03 19.28
C PHE A 259 14.04 -8.88 20.09
N VAL A 260 14.80 -9.21 21.15
CA VAL A 260 15.39 -8.19 22.03
C VAL A 260 16.82 -8.61 22.33
N LYS A 261 17.77 -7.69 22.14
CA LYS A 261 19.17 -8.00 22.37
C LYS A 261 19.89 -6.75 22.85
N GLN A 262 21.00 -6.97 23.55
CA GLN A 262 21.90 -5.91 23.98
C GLN A 262 23.19 -6.03 23.19
N VAL A 263 23.71 -4.89 22.70
CA VAL A 263 24.84 -4.93 21.79
C VAL A 263 25.98 -4.04 22.28
N ALA A 264 27.17 -4.33 21.76
CA ALA A 264 28.39 -3.60 22.10
C ALA A 264 28.51 -2.32 21.26
N ALA A 265 29.32 -1.38 21.75
CA ALA A 265 29.53 -0.13 21.01
C ALA A 265 30.07 -0.42 19.61
N GLY A 266 29.56 0.33 18.63
CA GLY A 266 29.96 0.16 17.25
C GLY A 266 29.19 -0.88 16.46
N SER A 267 28.29 -1.63 17.10
CA SER A 267 27.51 -2.63 16.39
C SER A 267 26.65 -1.95 15.33
N LYS A 268 26.77 -2.41 14.09
CA LYS A 268 26.04 -1.83 12.97
C LYS A 268 24.67 -2.48 12.86
N ILE A 269 23.64 -1.65 12.62
CA ILE A 269 22.25 -2.11 12.62
C ILE A 269 21.62 -1.80 11.27
N GLY A 270 21.09 -2.83 10.60
CA GLY A 270 20.26 -2.68 9.42
C GLY A 270 21.02 -2.59 8.11
N TYR A 271 20.22 -2.54 7.04
CA TYR A 271 20.76 -2.42 5.69
C TYR A 271 21.69 -1.22 5.58
N GLY A 272 22.78 -1.39 4.84
CA GLY A 272 23.74 -0.32 4.65
C GLY A 272 24.55 0.03 5.87
N ALA A 273 24.32 -0.63 7.01
CA ALA A 273 25.03 -0.37 8.26
C ALA A 273 24.99 1.11 8.64
N THR A 274 23.83 1.75 8.42
CA THR A 274 23.71 3.19 8.56
C THR A 274 23.59 3.67 9.99
N TYR A 275 23.50 2.77 10.96
CA TYR A 275 23.39 3.15 12.36
C TYR A 275 24.38 2.32 13.17
N GLU A 276 25.09 2.97 14.09
CA GLU A 276 26.03 2.27 14.97
C GLU A 276 25.61 2.47 16.41
N ALA A 277 25.43 1.38 17.14
CA ALA A 277 24.94 1.47 18.50
C ALA A 277 26.03 1.95 19.46
N SER A 278 25.58 2.51 20.59
CA SER A 278 26.44 2.78 21.73
C SER A 278 26.59 1.55 22.60
N GLU A 279 27.47 1.65 23.59
CA GLU A 279 27.77 0.49 24.44
C GLU A 279 26.54 0.09 25.25
N GLY A 280 26.18 -1.19 25.19
CA GLY A 280 25.10 -1.69 26.03
C GLY A 280 23.72 -1.33 25.56
N GLU A 281 23.61 -0.86 24.32
CA GLU A 281 22.32 -0.44 23.79
C GLU A 281 21.40 -1.64 23.63
N TRP A 282 20.13 -1.43 23.95
CA TRP A 282 19.12 -2.47 23.76
C TRP A 282 18.41 -2.22 22.43
N ILE A 283 18.36 -3.24 21.58
CA ILE A 283 17.74 -3.14 20.25
C ILE A 283 16.56 -4.09 20.20
N GLY A 284 15.39 -3.57 19.86
CA GLY A 284 14.19 -4.39 19.69
C GLY A 284 13.83 -4.51 18.22
N THR A 285 13.36 -5.69 17.83
CA THR A 285 12.96 -5.91 16.45
C THR A 285 11.45 -6.10 16.40
N ILE A 286 10.83 -5.46 15.41
CA ILE A 286 9.37 -5.37 15.30
C ILE A 286 8.96 -5.91 13.93
N PRO A 287 7.95 -6.80 13.86
CA PRO A 287 7.51 -7.36 12.57
C PRO A 287 6.56 -6.41 11.84
N MET A 288 7.14 -5.31 11.38
CA MET A 288 6.45 -4.33 10.54
C MET A 288 7.51 -3.69 9.66
N GLY A 289 7.20 -3.54 8.36
CA GLY A 289 8.18 -2.94 7.47
C GLY A 289 7.57 -2.08 6.37
N TYR A 290 8.37 -1.66 5.39
CA TYR A 290 7.81 -0.79 4.35
C TYR A 290 6.81 -1.51 3.45
N ALA A 291 6.84 -2.84 3.37
CA ALA A 291 5.81 -3.51 2.59
C ALA A 291 4.44 -3.43 3.25
N ASP A 292 4.40 -3.12 4.54
CA ASP A 292 3.15 -2.88 5.26
C ASP A 292 2.66 -1.45 5.14
N GLY A 293 3.46 -0.57 4.56
CA GLY A 293 3.13 0.85 4.52
C GLY A 293 3.88 1.70 5.54
N TRP A 294 4.77 1.11 6.33
CA TRP A 294 5.62 1.92 7.20
C TRP A 294 6.91 2.18 6.44
N LEU A 295 6.89 3.23 5.63
CA LEU A 295 7.91 3.40 4.61
C LEU A 295 9.25 3.80 5.20
N ARG A 296 10.29 3.64 4.39
CA ARG A 296 11.65 3.92 4.83
C ARG A 296 11.81 5.34 5.35
N ARG A 297 10.99 6.28 4.85
CA ARG A 297 11.04 7.66 5.34
C ARG A 297 10.67 7.77 6.81
N MET A 298 10.14 6.71 7.44
CA MET A 298 9.80 6.76 8.85
C MET A 298 10.98 6.46 9.77
N SER A 299 12.11 6.04 9.22
CA SER A 299 13.31 5.87 10.05
C SER A 299 13.62 7.16 10.79
N GLY A 300 13.98 7.04 12.06
CA GLY A 300 14.24 8.20 12.88
C GLY A 300 13.04 8.79 13.60
N SER A 301 11.82 8.37 13.26
CA SER A 301 10.66 8.71 14.04
C SER A 301 10.61 7.78 15.26
N THR A 302 9.59 7.95 16.11
CA THR A 302 9.49 7.18 17.34
C THR A 302 8.19 6.38 17.38
N VAL A 303 8.28 5.23 18.05
CA VAL A 303 7.14 4.45 18.51
C VAL A 303 7.05 4.59 20.02
N LEU A 304 5.98 4.06 20.60
CA LEU A 304 5.85 4.02 22.06
C LEU A 304 5.93 2.58 22.56
N VAL A 305 6.79 2.35 23.54
CA VAL A 305 6.87 1.08 24.26
C VAL A 305 6.71 1.43 25.73
N ASP A 306 5.62 0.96 26.35
CA ASP A 306 5.45 1.12 27.79
C ASP A 306 5.53 2.60 28.19
N GLY A 307 4.93 3.46 27.36
CA GLY A 307 4.91 4.88 27.61
C GLY A 307 6.20 5.62 27.27
N GLN A 308 7.21 4.92 26.77
CA GLN A 308 8.50 5.53 26.42
C GLN A 308 8.65 5.64 24.91
N ARG A 309 9.14 6.79 24.46
CA ARG A 309 9.42 6.98 23.04
C ARG A 309 10.70 6.24 22.67
N CYS A 310 10.61 5.41 21.62
CA CYS A 310 11.73 4.62 21.14
C CYS A 310 11.97 4.92 19.66
N GLU A 311 13.19 5.32 19.33
CA GLU A 311 13.49 5.72 17.97
C GLU A 311 13.69 4.50 17.06
N ILE A 312 13.12 4.57 15.85
CA ILE A 312 13.42 3.60 14.80
C ILE A 312 14.82 3.88 14.28
N VAL A 313 15.73 2.92 14.44
CA VAL A 313 17.14 3.13 14.16
C VAL A 313 17.54 2.28 12.95
N GLY A 314 18.45 2.82 12.14
CA GLY A 314 18.83 2.18 10.91
C GLY A 314 17.70 2.21 9.88
N ARG A 315 17.97 1.54 8.76
CA ARG A 315 16.98 1.48 7.70
C ARG A 315 15.82 0.56 8.07
N ILE A 316 14.61 0.97 7.70
CA ILE A 316 13.47 0.06 7.78
C ILE A 316 13.56 -0.96 6.66
N CYS A 317 13.31 -2.23 6.99
CA CYS A 317 13.32 -3.30 5.99
C CYS A 317 11.91 -3.56 5.47
N MET A 318 11.83 -4.50 4.52
CA MET A 318 10.57 -4.82 3.89
C MET A 318 9.51 -5.26 4.90
N ASP A 319 9.90 -6.09 5.86
CA ASP A 319 8.94 -6.68 6.80
C ASP A 319 9.28 -6.44 8.26
N GLN A 320 10.41 -5.81 8.55
CA GLN A 320 10.90 -5.68 9.93
C GLN A 320 11.59 -4.34 10.08
N MET A 321 11.68 -3.89 11.34
CA MET A 321 12.42 -2.70 11.70
C MET A 321 12.99 -2.88 13.09
N MET A 322 13.95 -2.02 13.44
CA MET A 322 14.65 -2.07 14.70
C MET A 322 14.46 -0.75 15.44
N ILE A 323 14.27 -0.83 16.75
CA ILE A 323 14.16 0.36 17.58
C ILE A 323 15.17 0.29 18.72
N ARG A 324 15.55 1.46 19.21
CA ARG A 324 16.37 1.57 20.42
C ARG A 324 15.45 1.57 21.64
N LEU A 325 15.65 0.61 22.52
CA LEU A 325 14.91 0.46 23.76
C LEU A 325 15.69 1.04 24.93
N PRO A 326 14.98 1.59 25.93
CA PRO A 326 15.69 2.17 27.09
C PRO A 326 16.20 1.14 28.07
N LYS A 327 15.65 -0.07 28.05
CA LYS A 327 16.08 -1.18 28.89
C LYS A 327 15.60 -2.46 28.24
N ARG A 328 15.95 -3.60 28.84
CA ARG A 328 15.45 -4.87 28.34
CA ARG A 328 15.46 -4.88 28.35
C ARG A 328 13.94 -4.95 28.54
N TYR A 329 13.23 -5.39 27.49
CA TYR A 329 11.83 -5.71 27.57
C TYR A 329 11.63 -7.14 27.09
N PRO A 330 10.64 -7.86 27.63
CA PRO A 330 10.39 -9.22 27.15
C PRO A 330 9.93 -9.19 25.69
N VAL A 331 10.31 -10.24 24.95
CA VAL A 331 9.68 -10.47 23.65
C VAL A 331 8.18 -10.59 23.87
N GLY A 332 7.40 -9.99 22.96
CA GLY A 332 5.96 -9.91 23.11
C GLY A 332 5.45 -8.61 23.71
N THR A 333 6.33 -7.74 24.19
CA THR A 333 5.90 -6.44 24.70
C THR A 333 5.23 -5.63 23.60
N LYS A 334 4.12 -4.99 23.94
CA LYS A 334 3.36 -4.22 22.97
C LYS A 334 4.15 -3.00 22.49
N VAL A 335 4.10 -2.76 21.18
CA VAL A 335 4.61 -1.54 20.58
C VAL A 335 3.43 -0.78 20.00
N VAL A 336 3.36 0.52 20.26
CA VAL A 336 2.28 1.39 19.76
C VAL A 336 2.88 2.31 18.71
N PHE A 337 2.42 2.14 17.46
CA PHE A 337 2.75 3.02 16.34
C PHE A 337 1.83 4.23 16.29
N VAL A 338 0.53 4.00 16.50
CA VAL A 338 -0.49 5.04 16.51
C VAL A 338 -1.41 4.77 17.68
N GLY A 339 -1.56 5.76 18.55
CA GLY A 339 -2.42 5.55 19.70
C GLY A 339 -1.72 5.93 20.98
N LYS A 340 -2.34 5.55 22.09
CA LYS A 340 -1.87 5.94 23.41
C LYS A 340 -1.01 4.86 24.05
N SER A 341 -0.04 5.31 24.84
CA SER A 341 0.77 4.40 25.65
C SER A 341 1.25 5.20 26.85
N GLY A 342 0.98 4.70 28.06
CA GLY A 342 1.35 5.46 29.24
C GLY A 342 0.61 6.78 29.28
N ASP A 343 1.36 7.88 29.42
CA ASP A 343 0.83 9.23 29.40
C ASP A 343 1.06 9.94 28.06
N ASP A 344 1.44 9.20 27.02
CA ASP A 344 1.82 9.77 25.74
C ASP A 344 0.89 9.23 24.67
N GLU A 345 1.00 9.79 23.47
CA GLU A 345 0.19 9.37 22.34
C GLU A 345 0.90 9.78 21.06
N ILE A 346 0.87 8.90 20.07
CA ILE A 346 1.34 9.23 18.73
C ILE A 346 0.11 9.35 17.85
N THR A 347 -0.04 10.51 17.21
CA THR A 347 -1.15 10.77 16.31
C THR A 347 -0.75 10.59 14.85
N LEU A 348 -1.76 10.34 14.01
CA LEU A 348 -1.52 10.27 12.57
C LEU A 348 -0.96 11.60 12.05
N GLN A 349 -1.43 12.72 12.60
CA GLN A 349 -0.92 14.02 12.15
C GLN A 349 0.57 14.15 12.43
N GLU A 350 1.00 13.74 13.63
CA GLU A 350 2.42 13.88 13.93
CA GLU A 350 2.43 13.84 13.96
C GLU A 350 3.26 12.98 13.02
N LEU A 351 2.75 11.80 12.66
CA LEU A 351 3.46 10.93 11.73
C LEU A 351 3.48 11.52 10.32
N ALA A 352 2.34 12.06 9.88
CA ALA A 352 2.29 12.71 8.57
C ALA A 352 3.31 13.84 8.48
N GLU A 353 3.44 14.62 9.56
CA GLU A 353 4.40 15.71 9.55
C GLU A 353 5.83 15.19 9.47
N TYR A 354 6.12 14.11 10.22
CA TYR A 354 7.45 13.52 10.14
C TYR A 354 7.76 13.05 8.72
N ALA A 355 6.76 12.47 8.04
CA ALA A 355 6.93 11.93 6.70
C ALA A 355 6.78 12.97 5.60
N ASP A 356 6.55 14.23 5.95
CA ASP A 356 6.34 15.30 4.96
C ASP A 356 5.19 14.93 4.02
N THR A 357 4.06 14.56 4.61
CA THR A 357 2.86 14.25 3.83
C THR A 357 1.65 14.58 4.67
N ILE A 358 0.49 14.05 4.30
CA ILE A 358 -0.75 14.30 5.03
C ILE A 358 -1.25 12.97 5.60
N HIS A 359 -2.05 13.06 6.66
CA HIS A 359 -2.51 11.82 7.29
C HIS A 359 -3.36 10.97 6.36
N TYR A 360 -4.11 11.59 5.44
CA TYR A 360 -4.84 10.81 4.43
C TYR A 360 -3.94 9.76 3.79
N GLU A 361 -2.72 10.14 3.43
CA GLU A 361 -1.85 9.21 2.74
C GLU A 361 -1.32 8.14 3.68
N ILE A 362 -1.02 8.52 4.93
CA ILE A 362 -0.55 7.52 5.90
C ILE A 362 -1.54 6.37 6.01
N ILE A 363 -2.83 6.68 6.20
CA ILE A 363 -3.80 5.61 6.42
C ILE A 363 -4.10 4.88 5.13
N CYS A 364 -4.10 5.59 3.99
CA CYS A 364 -4.42 4.93 2.73
C CYS A 364 -3.30 4.02 2.27
N ASP A 365 -2.09 4.19 2.82
CA ASP A 365 -0.93 3.40 2.42
C ASP A 365 -0.76 2.13 3.23
N LEU A 366 -1.63 1.89 4.21
CA LEU A 366 -1.50 0.72 5.07
C LEU A 366 -1.89 -0.54 4.31
N SER A 367 -0.95 -1.48 4.22
CA SER A 367 -1.13 -2.68 3.40
C SER A 367 -2.24 -3.57 3.96
N ASP A 368 -2.92 -4.28 3.05
CA ASP A 368 -3.86 -5.30 3.52
C ASP A 368 -3.18 -6.47 4.20
N ARG A 369 -1.84 -6.53 4.18
CA ARG A 369 -1.15 -7.55 4.95
C ARG A 369 -1.35 -7.36 6.46
N ILE A 370 -1.71 -6.16 6.91
CA ILE A 370 -2.02 -5.91 8.31
C ILE A 370 -3.50 -6.17 8.53
N PRO A 371 -3.89 -7.08 9.42
CA PRO A 371 -5.31 -7.27 9.70
C PRO A 371 -5.89 -6.08 10.46
N ARG A 372 -7.15 -5.79 10.16
CA ARG A 372 -7.93 -4.79 10.88
C ARG A 372 -8.77 -5.49 11.93
N VAL A 373 -8.77 -4.97 13.15
CA VAL A 373 -9.57 -5.49 14.25
C VAL A 373 -10.53 -4.40 14.70
N TYR A 374 -11.81 -4.75 14.82
CA TYR A 374 -12.86 -3.77 15.07
C TYR A 374 -13.45 -3.92 16.46
N THR A 375 -13.82 -2.78 17.06
CA THR A 375 -14.44 -2.79 18.38
C THR A 375 -15.86 -3.33 18.35
N GLY A 376 -16.55 -3.20 17.22
CA GLY A 376 -17.99 -3.40 17.21
C GLY A 376 -18.69 -2.18 17.77
N LEU A 377 -20.01 -2.15 17.68
CA LEU A 377 -20.80 -1.01 18.10
C LEU A 377 -21.42 -1.28 19.46
N ASN A 378 -21.11 -0.44 20.44
CA ASN A 378 -21.73 -0.55 21.77
C ASN A 378 -23.26 -0.47 21.68
N MET B 1 -8.71 -3.65 -0.54
CA MET B 1 -8.70 -5.03 -1.05
C MET B 1 -9.61 -5.25 -2.25
N THR B 2 -10.60 -4.38 -2.44
CA THR B 2 -11.37 -4.40 -3.69
C THR B 2 -10.43 -4.14 -4.86
N VAL B 3 -10.40 -5.06 -5.82
CA VAL B 3 -9.50 -4.93 -6.97
C VAL B 3 -10.22 -4.18 -8.10
N GLY B 4 -9.52 -3.24 -8.73
CA GLY B 4 -10.15 -2.38 -9.71
C GLY B 4 -10.09 -2.87 -11.14
N TYR B 5 -10.75 -4.01 -11.42
CA TYR B 5 -10.68 -4.61 -12.76
C TYR B 5 -11.27 -3.69 -13.82
N LEU B 6 -12.32 -2.94 -13.47
CA LEU B 6 -13.00 -2.10 -14.44
C LEU B 6 -12.28 -0.78 -14.67
N ARG B 7 -11.36 -0.40 -13.78
CA ARG B 7 -10.57 0.81 -13.99
C ARG B 7 -9.40 0.50 -14.94
N PRO B 8 -9.11 1.39 -15.86
CA PRO B 8 -8.05 1.11 -16.84
C PRO B 8 -6.64 1.35 -16.30
N THR B 9 -6.42 1.09 -15.02
CA THR B 9 -5.10 1.16 -14.40
C THR B 9 -4.66 -0.26 -14.05
N ARG B 10 -3.47 -0.65 -14.50
CA ARG B 10 -3.06 -2.05 -14.40
C ARG B 10 -1.58 -2.14 -14.15
N ILE B 11 -1.20 -3.20 -13.44
CA ILE B 11 0.19 -3.64 -13.34
C ILE B 11 0.35 -4.83 -14.28
N LEU B 12 1.34 -4.75 -15.15
CA LEU B 12 1.64 -5.82 -16.11
C LEU B 12 2.85 -6.60 -15.61
N VAL B 13 2.69 -7.91 -15.48
CA VAL B 13 3.73 -8.79 -14.96
C VAL B 13 4.11 -9.78 -16.04
N ASP B 14 5.36 -9.73 -16.48
CA ASP B 14 5.88 -10.59 -17.53
C ASP B 14 6.48 -11.83 -16.87
N GLN B 15 5.72 -12.93 -16.90
CA GLN B 15 6.20 -14.16 -16.28
C GLN B 15 7.35 -14.78 -17.06
N ASN B 16 7.44 -14.50 -18.37
CA ASN B 16 8.60 -14.94 -19.15
C ASN B 16 9.88 -14.27 -18.67
N ALA B 17 9.78 -13.00 -18.24
CA ALA B 17 10.93 -12.31 -17.68
C ALA B 17 11.42 -13.00 -16.41
N ILE B 18 10.49 -13.33 -15.51
CA ILE B 18 10.84 -14.00 -14.27
C ILE B 18 11.48 -15.35 -14.56
N TYR B 19 10.89 -16.09 -15.51
CA TYR B 19 11.43 -17.40 -15.89
C TYR B 19 12.87 -17.27 -16.37
N GLU B 20 13.14 -16.29 -17.24
CA GLU B 20 14.50 -16.11 -17.74
C GLU B 20 15.45 -15.69 -16.63
N ASN B 21 15.01 -14.82 -15.72
CA ASN B 21 15.87 -14.41 -14.63
C ASN B 21 16.28 -15.59 -13.76
N ILE B 22 15.31 -16.41 -13.38
CA ILE B 22 15.61 -17.58 -12.58
C ILE B 22 16.50 -18.55 -13.35
N GLN B 23 16.18 -18.79 -14.62
CA GLN B 23 16.98 -19.74 -15.41
C GLN B 23 18.41 -19.25 -15.56
N ASN B 24 18.62 -17.93 -15.61
CA ASN B 24 19.98 -17.42 -15.72
C ASN B 24 20.76 -17.62 -14.42
N GLU B 25 20.09 -17.50 -13.27
CA GLU B 25 20.80 -17.77 -12.03
C GLU B 25 21.08 -19.26 -11.88
N LEU B 26 20.15 -20.11 -12.34
CA LEU B 26 20.43 -21.55 -12.34
C LEU B 26 21.67 -21.85 -13.16
N LYS B 27 21.78 -21.27 -14.36
CA LYS B 27 22.96 -21.44 -15.18
CA LYS B 27 22.97 -21.45 -15.18
C LYS B 27 24.21 -20.91 -14.47
N HIS B 28 24.07 -19.75 -13.82
CA HIS B 28 25.15 -19.16 -13.04
C HIS B 28 25.60 -20.09 -11.90
N LEU B 29 24.74 -21.01 -11.47
CA LEU B 29 25.00 -21.90 -10.35
C LEU B 29 25.51 -23.28 -10.77
N GLU B 30 25.58 -23.58 -12.06
CA GLU B 30 25.94 -24.91 -12.49
C GLU B 30 27.36 -25.28 -12.07
N GLY B 31 27.56 -26.55 -11.76
CA GLY B 31 28.81 -27.00 -11.19
C GLY B 31 28.87 -26.91 -9.69
N THR B 32 27.87 -26.30 -9.07
CA THR B 32 27.67 -26.39 -7.63
C THR B 32 26.41 -27.20 -7.38
N ASP B 33 26.21 -27.63 -6.14
CA ASP B 33 24.96 -28.25 -5.73
C ASP B 33 23.96 -27.23 -5.20
N THR B 34 24.20 -25.93 -5.42
CA THR B 34 23.31 -24.89 -4.91
C THR B 34 21.96 -24.91 -5.61
N VAL B 35 20.89 -24.79 -4.84
CA VAL B 35 19.54 -24.67 -5.38
C VAL B 35 19.01 -23.27 -5.05
N ILE B 36 17.88 -22.92 -5.66
CA ILE B 36 17.26 -21.61 -5.48
C ILE B 36 15.95 -21.77 -4.72
N PHE B 37 15.81 -20.99 -3.64
CA PHE B 37 14.53 -20.79 -2.93
C PHE B 37 14.09 -19.37 -3.22
N PRO B 38 13.25 -19.11 -4.25
CA PRO B 38 12.81 -17.74 -4.52
C PRO B 38 12.14 -17.12 -3.29
N VAL B 39 12.40 -15.84 -3.09
CA VAL B 39 11.84 -15.10 -1.96
C VAL B 39 10.58 -14.42 -2.43
N LEU B 40 9.44 -14.79 -1.83
CA LEU B 40 8.12 -14.37 -2.31
C LEU B 40 7.39 -13.54 -1.29
N ALA B 42 5.87 -10.39 0.90
CA ALA B 42 5.20 -9.13 0.52
C ALA B 42 4.46 -9.29 -0.81
N ASN B 43 3.66 -10.36 -0.92
CA ASN B 43 2.91 -10.64 -2.15
C ASN B 43 3.84 -10.74 -3.35
N ALA B 44 4.93 -11.49 -3.17
CA ALA B 44 6.01 -11.60 -4.15
C ALA B 44 6.44 -10.22 -4.65
N TYR B 45 6.86 -9.39 -3.70
CA TYR B 45 7.37 -8.05 -3.99
C TYR B 45 6.37 -7.26 -4.83
N GLY B 46 5.09 -7.38 -4.50
CA GLY B 46 4.04 -6.70 -5.23
C GLY B 46 3.65 -7.33 -6.55
N HIS B 47 4.31 -8.42 -6.97
CA HIS B 47 4.02 -9.00 -8.27
C HIS B 47 2.90 -10.04 -8.23
N GLY B 48 2.54 -10.54 -7.04
CA GLY B 48 1.48 -11.52 -6.88
C GLY B 48 2.02 -12.85 -6.43
N LEU B 49 1.69 -13.25 -5.19
CA LEU B 49 2.33 -14.40 -4.55
C LEU B 49 2.18 -15.68 -5.36
N ILE B 50 0.95 -16.07 -5.67
CA ILE B 50 0.72 -17.37 -6.31
C ILE B 50 1.16 -17.37 -7.77
N PRO B 51 0.84 -16.35 -8.59
CA PRO B 51 1.36 -16.38 -9.97
C PRO B 51 2.88 -16.42 -10.05
N VAL B 52 3.59 -15.71 -9.16
CA VAL B 52 5.04 -15.76 -9.20
C VAL B 52 5.52 -17.11 -8.70
N ALA B 53 4.87 -17.67 -7.67
CA ALA B 53 5.23 -19.03 -7.23
C ALA B 53 5.08 -20.02 -8.37
N GLU B 54 4.00 -19.90 -9.15
CA GLU B 54 3.75 -20.84 -10.26
C GLU B 54 4.88 -20.79 -11.30
N VAL B 55 5.28 -19.59 -11.71
CA VAL B 55 6.33 -19.52 -12.73
C VAL B 55 7.68 -19.89 -12.13
N ALA B 56 7.93 -19.51 -10.87
CA ALA B 56 9.17 -19.89 -10.22
C ALA B 56 9.29 -21.40 -10.11
N GLN B 57 8.17 -22.07 -9.83
CA GLN B 57 8.16 -23.54 -9.86
C GLN B 57 8.50 -24.06 -11.25
N ALA B 58 7.87 -23.49 -12.29
CA ALA B 58 8.15 -23.94 -13.64
C ALA B 58 9.61 -23.69 -14.02
N ALA B 59 10.22 -22.64 -13.49
CA ALA B 59 11.58 -22.28 -13.83
C ALA B 59 12.64 -23.05 -13.06
N GLY B 60 12.25 -23.84 -12.04
CA GLY B 60 13.22 -24.67 -11.36
C GLY B 60 13.44 -24.41 -9.88
N ALA B 61 12.54 -23.67 -9.25
CA ALA B 61 12.64 -23.43 -7.81
C ALA B 61 12.60 -24.75 -7.04
N SER B 62 13.43 -24.83 -5.98
CA SER B 62 13.47 -26.01 -5.12
C SER B 62 12.70 -25.82 -3.81
N GLY B 63 12.30 -24.59 -3.51
CA GLY B 63 11.66 -24.24 -2.27
C GLY B 63 11.37 -22.75 -2.32
N PHE B 64 10.76 -22.24 -1.25
CA PHE B 64 10.38 -20.83 -1.24
C PHE B 64 10.69 -20.21 0.12
N CYS B 65 10.97 -18.90 0.10
CA CYS B 65 11.08 -18.11 1.32
C CYS B 65 9.97 -17.06 1.34
N VAL B 66 9.38 -16.87 2.53
CA VAL B 66 8.39 -15.83 2.77
C VAL B 66 8.78 -15.11 4.06
N ALA B 67 8.06 -14.02 4.35
CA ALA B 67 8.30 -13.29 5.59
C ALA B 67 7.46 -13.80 6.75
N LEU B 68 6.23 -14.22 6.49
CA LEU B 68 5.25 -14.50 7.54
C LEU B 68 4.71 -15.92 7.40
N LEU B 69 4.41 -16.53 8.54
CA LEU B 69 3.67 -17.79 8.55
C LEU B 69 2.40 -17.71 7.71
N ASP B 70 1.70 -16.58 7.76
CA ASP B 70 0.48 -16.47 6.95
C ASP B 70 0.77 -16.62 5.47
N GLU B 71 1.90 -16.08 4.99
CA GLU B 71 2.27 -16.22 3.58
C GLU B 71 2.60 -17.67 3.25
N ALA B 72 3.31 -18.36 4.16
CA ALA B 72 3.59 -19.77 3.94
C ALA B 72 2.31 -20.58 3.88
N LEU B 73 1.36 -20.27 4.76
CA LEU B 73 0.11 -21.03 4.76
C LEU B 73 -0.67 -20.80 3.48
N ALA B 74 -0.61 -19.57 2.94
CA ALA B 74 -1.27 -19.29 1.67
C ALA B 74 -0.67 -20.12 0.54
N LEU B 75 0.65 -20.33 0.56
CA LEU B 75 1.28 -21.22 -0.43
C LEU B 75 0.83 -22.67 -0.25
N ARG B 76 0.78 -23.17 1.00
CA ARG B 76 0.27 -24.52 1.18
C ARG B 76 -1.17 -24.63 0.71
N GLN B 77 -1.97 -23.58 0.93
CA GLN B 77 -3.37 -23.65 0.56
C GLN B 77 -3.56 -23.59 -0.94
N ALA B 78 -2.58 -23.08 -1.68
CA ALA B 78 -2.53 -23.15 -3.14
C ALA B 78 -1.87 -24.44 -3.63
N ASN B 79 -1.74 -25.44 -2.76
CA ASN B 79 -1.26 -26.78 -3.09
C ASN B 79 0.23 -26.84 -3.46
N PHE B 80 1.04 -25.88 -3.01
CA PHE B 80 2.48 -26.02 -3.13
C PHE B 80 3.00 -26.94 -2.03
N THR B 81 3.87 -27.87 -2.41
CA THR B 81 4.37 -28.89 -1.50
C THR B 81 5.88 -28.80 -1.25
N GLU B 82 6.57 -27.86 -1.90
CA GLU B 82 7.99 -27.64 -1.67
C GLU B 82 8.26 -27.16 -0.24
N PRO B 83 9.51 -27.25 0.21
CA PRO B 83 9.88 -26.60 1.48
C PRO B 83 9.58 -25.11 1.42
N ILE B 84 9.09 -24.57 2.53
CA ILE B 84 8.84 -23.13 2.67
C ILE B 84 9.47 -22.66 3.97
N LEU B 85 10.32 -21.64 3.89
CA LEU B 85 10.98 -21.07 5.06
C LEU B 85 10.38 -19.71 5.37
N VAL B 86 9.87 -19.56 6.59
CA VAL B 86 9.50 -18.25 7.12
C VAL B 86 10.77 -17.60 7.63
N LEU B 87 11.10 -16.42 7.09
CA LEU B 87 12.35 -15.72 7.38
C LEU B 87 12.28 -14.85 8.62
N GLY B 88 11.10 -14.34 8.98
CA GLY B 88 10.93 -13.59 10.20
C GLY B 88 10.66 -14.49 11.39
N ILE B 89 10.52 -13.85 12.55
CA ILE B 89 10.23 -14.57 13.78
C ILE B 89 8.76 -14.96 13.80
N THR B 90 8.49 -16.23 14.07
CA THR B 90 7.14 -16.72 14.33
C THR B 90 7.04 -16.94 15.83
N GLN B 91 6.01 -16.40 16.47
N GLN B 91 6.02 -16.39 16.47
CA GLN B 91 5.92 -16.54 17.90
CA GLN B 91 5.96 -16.52 17.91
C GLN B 91 5.73 -18.02 18.27
C GLN B 91 5.68 -17.99 18.29
N PRO B 92 6.25 -18.45 19.41
CA PRO B 92 6.12 -19.88 19.77
C PRO B 92 4.69 -20.38 19.86
N SER B 93 3.73 -19.52 20.19
CA SER B 93 2.34 -19.98 20.26
C SER B 93 1.79 -20.48 18.94
N GLU B 94 2.45 -20.23 17.81
CA GLU B 94 1.95 -20.68 16.52
C GLU B 94 2.64 -21.94 15.99
N ILE B 95 3.42 -22.64 16.82
CA ILE B 95 4.22 -23.75 16.28
C ILE B 95 3.34 -24.89 15.78
N GLU B 96 2.16 -25.09 16.35
CA GLU B 96 1.31 -26.20 15.90
C GLU B 96 0.87 -26.00 14.46
N LEU B 97 0.60 -24.75 14.07
CA LEU B 97 0.26 -24.45 12.69
C LEU B 97 1.44 -24.68 11.75
N ALA B 98 2.64 -24.24 12.16
CA ALA B 98 3.81 -24.50 11.34
C ALA B 98 4.07 -26.01 11.22
N ALA B 99 3.93 -26.75 12.32
CA ALA B 99 4.23 -28.18 12.27
C ALA B 99 3.21 -28.92 11.43
N ALA B 100 1.93 -28.56 11.56
CA ALA B 100 0.89 -29.27 10.83
C ALA B 100 0.94 -29.01 9.33
N ASN B 101 1.65 -27.96 8.92
CA ASN B 101 1.75 -27.59 7.52
C ASN B 101 3.17 -27.68 6.99
N GLN B 102 4.07 -28.33 7.74
CA GLN B 102 5.45 -28.56 7.32
C GLN B 102 6.11 -27.26 6.86
N ILE B 103 5.89 -26.19 7.62
CA ILE B 103 6.48 -24.89 7.34
C ILE B 103 7.74 -24.75 8.18
N SER B 104 8.87 -24.46 7.54
CA SER B 104 10.11 -24.28 8.27
C SER B 104 10.18 -22.89 8.87
N LEU B 105 10.76 -22.79 10.07
CA LEU B 105 10.72 -21.58 10.87
C LEU B 105 12.12 -21.07 11.19
N THR B 106 12.31 -19.76 11.08
CA THR B 106 13.55 -19.12 11.52
C THR B 106 13.53 -18.97 13.04
N VAL B 107 14.63 -19.35 13.67
CA VAL B 107 14.79 -19.28 15.13
C VAL B 107 16.09 -18.56 15.43
N GLY B 108 16.02 -17.54 16.30
CA GLY B 108 17.19 -16.73 16.56
C GLY B 108 17.64 -16.71 18.01
N SER B 109 17.07 -17.57 18.84
CA SER B 109 17.41 -17.55 20.26
C SER B 109 17.10 -18.90 20.89
N LEU B 110 17.87 -19.22 21.93
CA LEU B 110 17.58 -20.41 22.71
C LEU B 110 16.25 -20.29 23.45
N GLU B 111 15.94 -19.07 23.92
CA GLU B 111 14.68 -18.82 24.61
C GLU B 111 13.47 -19.22 23.78
N TRP B 112 13.49 -18.92 22.48
CA TRP B 112 12.41 -19.34 21.60
C TRP B 112 12.22 -20.86 21.65
N LEU B 113 13.32 -21.60 21.52
CA LEU B 113 13.26 -23.06 21.55
C LEU B 113 12.74 -23.58 22.88
N GLN B 114 13.16 -22.95 23.98
CA GLN B 114 12.66 -23.39 25.28
C GLN B 114 11.15 -23.16 25.41
N GLU B 115 10.68 -21.99 24.97
CA GLU B 115 9.25 -21.72 25.03
C GLU B 115 8.48 -22.66 24.10
N ALA B 116 9.04 -22.95 22.92
CA ALA B 116 8.37 -23.82 21.96
C ALA B 116 8.25 -25.22 22.51
N ALA B 117 9.29 -25.72 23.18
CA ALA B 117 9.23 -27.07 23.73
C ALA B 117 8.18 -27.17 24.83
N GLU B 118 8.02 -26.13 25.66
CA GLU B 118 6.99 -26.16 26.69
C GLU B 118 5.59 -26.28 26.07
N ILE B 119 5.38 -25.59 24.96
CA ILE B 119 4.10 -25.69 24.25
C ILE B 119 3.95 -27.07 23.62
N ALA B 120 4.98 -27.53 22.93
CA ALA B 120 4.89 -28.77 22.16
C ALA B 120 4.72 -29.99 23.05
N GLN B 121 5.27 -29.93 24.27
CA GLN B 121 5.14 -31.07 25.19
C GLN B 121 3.68 -31.33 25.54
N ARG B 122 2.86 -30.28 25.54
CA ARG B 122 1.45 -30.39 25.88
C ARG B 122 0.59 -30.76 24.69
N VAL B 123 1.18 -31.02 23.53
CA VAL B 123 0.44 -31.33 22.31
C VAL B 123 0.54 -32.82 22.08
N PRO B 124 -0.53 -33.59 22.23
CA PRO B 124 -0.46 -35.01 21.84
C PRO B 124 -0.24 -35.09 20.34
N TYR B 125 0.58 -36.07 19.92
CA TYR B 125 0.79 -36.39 18.50
C TYR B 125 1.54 -35.29 17.75
N PHE B 126 2.24 -34.41 18.45
CA PHE B 126 3.01 -33.36 17.78
C PHE B 126 4.05 -33.98 16.87
N HIS B 127 4.22 -33.38 15.68
CA HIS B 127 5.23 -33.77 14.70
C HIS B 127 6.31 -32.70 14.60
N PRO B 128 7.57 -33.07 14.32
CA PRO B 128 8.68 -32.12 14.52
C PRO B 128 8.63 -30.92 13.58
N LEU B 129 9.03 -29.77 14.13
CA LEU B 129 9.21 -28.55 13.37
C LEU B 129 10.53 -28.58 12.61
N HIS B 130 10.54 -28.07 11.39
CA HIS B 130 11.77 -27.93 10.62
C HIS B 130 12.34 -26.55 10.92
N ILE B 131 13.50 -26.51 11.57
CA ILE B 131 14.05 -25.28 12.13
C ILE B 131 15.26 -24.84 11.30
N HIS B 132 15.33 -23.55 10.99
CA HIS B 132 16.57 -22.93 10.54
C HIS B 132 17.04 -21.97 11.62
N LEU B 133 18.27 -22.16 12.10
CA LEU B 133 18.84 -21.21 13.05
C LEU B 133 19.33 -20.00 12.28
N GLY B 134 18.82 -18.82 12.63
CA GLY B 134 19.30 -17.58 12.05
C GLY B 134 20.46 -17.01 12.87
N ILE B 135 21.56 -16.73 12.19
CA ILE B 135 22.75 -16.18 12.80
C ILE B 135 22.85 -14.72 12.41
N ASP B 136 23.02 -13.85 13.41
CA ASP B 136 23.22 -12.42 13.17
C ASP B 136 24.72 -12.22 13.04
N SER B 137 25.21 -12.13 11.81
CA SER B 137 26.63 -11.90 11.57
C SER B 137 26.96 -10.41 11.42
N GLY B 138 26.02 -9.53 11.71
CA GLY B 138 26.33 -8.11 11.60
C GLY B 138 25.23 -7.28 10.97
N MET B 139 24.11 -7.91 10.60
CA MET B 139 22.95 -7.16 10.15
C MET B 139 22.23 -6.50 11.33
N GLY B 140 22.35 -7.09 12.52
CA GLY B 140 21.74 -6.54 13.71
C GLY B 140 20.24 -6.66 13.79
N ARG B 141 19.63 -7.53 12.95
CA ARG B 141 18.18 -7.64 12.88
C ARG B 141 17.67 -8.72 13.84
N ILE B 142 17.79 -9.99 13.46
CA ILE B 142 17.48 -11.10 14.35
C ILE B 142 18.61 -12.13 14.26
N GLY B 143 18.69 -12.99 15.28
CA GLY B 143 19.63 -14.09 15.21
C GLY B 143 20.68 -14.19 16.29
N PHE B 144 21.27 -15.37 16.44
CA PHE B 144 22.32 -15.59 17.43
C PHE B 144 23.52 -14.70 17.15
N ARG B 145 24.11 -14.16 18.21
CA ARG B 145 25.30 -13.31 18.09
C ARG B 145 26.51 -13.85 18.85
N ASP B 146 26.44 -15.06 19.41
CA ASP B 146 27.60 -15.58 20.12
C ASP B 146 27.62 -17.10 20.08
N GLU B 147 28.83 -17.62 20.26
CA GLU B 147 29.07 -19.06 20.12
CA GLU B 147 29.07 -19.06 20.12
C GLU B 147 28.28 -19.87 21.14
N ALA B 148 28.28 -19.43 22.40
CA ALA B 148 27.69 -20.22 23.47
C ALA B 148 26.20 -20.47 23.26
N GLU B 149 25.45 -19.41 22.92
CA GLU B 149 24.01 -19.59 22.74
C GLU B 149 23.70 -20.45 21.53
N LEU B 150 24.45 -20.26 20.44
CA LEU B 150 24.26 -21.08 19.26
C LEU B 150 24.42 -22.55 19.60
N LEU B 151 25.53 -22.91 20.28
CA LEU B 151 25.75 -24.30 20.63
C LEU B 151 24.71 -24.80 21.63
N ALA B 152 24.23 -23.93 22.53
CA ALA B 152 23.17 -24.36 23.43
C ALA B 152 21.89 -24.66 22.67
N ALA B 153 21.57 -23.84 21.65
CA ALA B 153 20.40 -24.10 20.82
C ALA B 153 20.54 -25.42 20.06
N ASP B 154 21.72 -25.67 19.49
CA ASP B 154 21.98 -26.92 18.78
C ASP B 154 21.78 -28.12 19.70
N ALA B 155 22.31 -28.06 20.93
CA ALA B 155 22.17 -29.18 21.86
C ALA B 155 20.72 -29.33 22.31
N PHE B 156 20.01 -28.21 22.48
CA PHE B 156 18.63 -28.29 22.90
C PHE B 156 17.77 -28.99 21.87
N MET B 157 17.95 -28.66 20.59
CA MET B 157 17.20 -29.38 19.56
C MET B 157 17.54 -30.86 19.58
N LYS B 158 18.81 -31.21 19.83
CA LYS B 158 19.18 -32.62 19.86
C LYS B 158 18.55 -33.34 21.04
N ALA B 159 18.26 -32.62 22.13
CA ALA B 159 17.54 -33.21 23.25
C ALA B 159 16.07 -33.42 22.97
N HIS B 160 15.52 -32.85 21.91
CA HIS B 160 14.07 -32.89 21.66
C HIS B 160 13.75 -33.12 20.18
N PRO B 161 14.22 -34.24 19.61
CA PRO B 161 13.93 -34.52 18.20
C PRO B 161 12.45 -34.73 17.93
N GLU B 162 11.65 -35.00 18.97
CA GLU B 162 10.20 -35.05 18.84
C GLU B 162 9.62 -33.69 18.46
N TYR B 163 10.31 -32.60 18.77
CA TYR B 163 9.78 -31.27 18.49
C TYR B 163 10.52 -30.54 17.39
N PHE B 164 11.79 -30.86 17.18
CA PHE B 164 12.67 -30.02 16.36
C PHE B 164 13.47 -30.88 15.39
N ASP B 165 13.50 -30.46 14.14
CA ASP B 165 14.39 -30.99 13.10
C ASP B 165 15.32 -29.84 12.69
N PHE B 166 16.59 -29.95 13.03
CA PHE B 166 17.58 -28.94 12.65
C PHE B 166 17.81 -29.03 11.14
N GLU B 167 17.09 -28.22 10.37
CA GLU B 167 17.10 -28.30 8.91
C GLU B 167 18.04 -27.30 8.24
N GLY B 168 18.26 -26.13 8.83
CA GLY B 168 19.15 -25.17 8.21
C GLY B 168 19.81 -24.20 9.18
N VAL B 169 20.81 -23.50 8.65
CA VAL B 169 21.45 -22.40 9.36
C VAL B 169 21.78 -21.34 8.34
N PHE B 170 21.59 -20.07 8.72
CA PHE B 170 21.73 -19.01 7.73
C PHE B 170 22.09 -17.68 8.38
N THR B 171 22.55 -16.75 7.55
CA THR B 171 22.71 -15.37 7.96
C THR B 171 22.29 -14.49 6.79
N HIS B 172 22.29 -13.18 7.02
CA HIS B 172 21.88 -12.20 6.02
C HIS B 172 22.87 -11.04 6.05
N PHE B 173 23.25 -10.55 4.87
CA PHE B 173 24.26 -9.50 4.73
C PHE B 173 23.63 -8.11 4.59
N ALA B 174 24.23 -7.14 5.27
CA ALA B 174 23.72 -5.77 5.24
C ALA B 174 24.22 -4.99 4.04
N THR B 175 25.37 -5.37 3.47
CA THR B 175 26.03 -4.55 2.45
C THR B 175 26.58 -5.40 1.31
N ALA B 176 25.89 -6.49 0.95
CA ALA B 176 26.36 -7.31 -0.16
C ALA B 176 26.25 -6.60 -1.49
N ASP B 177 25.46 -5.54 -1.57
CA ASP B 177 25.29 -4.76 -2.79
C ASP B 177 26.13 -3.49 -2.78
N ASP B 178 27.14 -3.42 -1.92
CA ASP B 178 28.03 -2.26 -1.77
C ASP B 178 29.28 -2.48 -2.61
N PRO B 179 29.67 -1.51 -3.45
CA PRO B 179 30.96 -1.65 -4.16
C PRO B 179 32.14 -1.88 -3.22
N ASP B 180 32.06 -1.43 -1.98
CA ASP B 180 33.04 -1.75 -0.96
C ASP B 180 32.61 -3.04 -0.26
N ASP B 181 33.45 -4.06 -0.29
CA ASP B 181 33.08 -5.35 0.29
C ASP B 181 33.63 -5.54 1.70
N THR B 182 34.15 -4.49 2.33
CA THR B 182 34.85 -4.66 3.60
C THR B 182 33.94 -5.27 4.67
N TYR B 183 32.80 -4.63 4.93
CA TYR B 183 31.91 -5.17 5.95
C TYR B 183 31.31 -6.51 5.54
N PHE B 184 31.05 -6.71 4.24
CA PHE B 184 30.56 -8.00 3.78
C PHE B 184 31.52 -9.12 4.17
N LYS B 185 32.82 -8.92 3.95
CA LYS B 185 33.77 -9.96 4.32
C LYS B 185 33.86 -10.14 5.83
N GLU B 186 33.63 -9.08 6.62
CA GLU B 186 33.60 -9.24 8.06
C GLU B 186 32.42 -10.12 8.49
N GLN B 187 31.25 -9.88 7.90
CA GLN B 187 30.08 -10.71 8.20
C GLN B 187 30.31 -12.16 7.78
N SER B 188 30.86 -12.37 6.58
CA SER B 188 31.02 -13.73 6.08
C SER B 188 31.99 -14.51 6.95
N ALA B 189 33.10 -13.86 7.33
CA ALA B 189 34.04 -14.51 8.24
C ALA B 189 33.39 -14.81 9.59
N ARG B 190 32.57 -13.89 10.09
CA ARG B 190 31.91 -14.10 11.38
C ARG B 190 30.92 -15.27 11.31
N PHE B 191 30.13 -15.35 10.23
CA PHE B 191 29.23 -16.50 10.06
C PHE B 191 30.00 -17.81 9.97
N ASN B 192 31.05 -17.84 9.13
CA ASN B 192 31.85 -19.05 8.98
C ASN B 192 32.45 -19.49 10.31
N GLN B 193 32.86 -18.51 11.13
CA GLN B 193 33.37 -18.81 12.46
C GLN B 193 32.30 -19.48 13.33
N LEU B 194 31.08 -18.94 13.32
CA LEU B 194 30.04 -19.50 14.19
C LEU B 194 29.56 -20.85 13.68
N VAL B 195 29.42 -21.03 12.37
CA VAL B 195 28.94 -22.33 11.89
C VAL B 195 30.00 -23.39 12.08
N ALA B 196 31.27 -23.00 12.11
CA ALA B 196 32.34 -23.96 12.24
C ALA B 196 32.29 -24.72 13.56
N VAL B 197 31.64 -24.16 14.58
CA VAL B 197 31.60 -24.84 15.88
C VAL B 197 30.41 -25.76 16.03
N LEU B 198 29.48 -25.77 15.07
CA LEU B 198 28.41 -26.76 15.09
C LEU B 198 29.01 -28.16 14.92
N PRO B 199 28.61 -29.14 15.75
CA PRO B 199 29.16 -30.49 15.57
C PRO B 199 28.88 -31.06 14.17
N LYS B 200 27.72 -30.78 13.61
CA LYS B 200 27.37 -31.23 12.28
C LYS B 200 26.51 -30.17 11.63
N LYS B 201 26.78 -29.88 10.36
CA LYS B 201 26.00 -28.89 9.64
C LYS B 201 24.65 -29.49 9.23
N PRO B 202 23.60 -28.68 9.22
CA PRO B 202 22.28 -29.14 8.74
C PRO B 202 22.27 -29.22 7.21
N ARG B 203 21.14 -29.69 6.66
CA ARG B 203 21.09 -29.94 5.22
C ARG B 203 21.15 -28.65 4.41
N PHE B 204 20.63 -27.53 4.93
CA PHE B 204 20.70 -26.24 4.25
C PHE B 204 21.62 -25.30 5.01
N VAL B 205 22.62 -24.76 4.31
CA VAL B 205 23.49 -23.72 4.85
C VAL B 205 23.45 -22.59 3.83
N HIS B 206 22.91 -21.44 4.22
CA HIS B 206 22.66 -20.43 3.19
C HIS B 206 22.89 -19.02 3.71
N VAL B 207 23.39 -18.15 2.84
CA VAL B 207 23.79 -16.80 3.22
C VAL B 207 23.35 -15.77 2.19
N SER B 208 22.86 -16.24 1.04
CA SER B 208 22.87 -15.44 -0.19
C SER B 208 21.51 -14.82 -0.46
N ASN B 209 21.46 -13.48 -0.44
CA ASN B 209 20.39 -12.74 -1.10
C ASN B 209 20.77 -12.57 -2.58
N SER B 210 20.00 -11.77 -3.32
CA SER B 210 20.30 -11.54 -4.73
C SER B 210 21.71 -11.00 -4.90
N ALA B 211 22.05 -9.96 -4.13
CA ALA B 211 23.35 -9.31 -4.29
C ALA B 211 24.49 -10.29 -4.02
N THR B 212 24.35 -11.13 -3.00
CA THR B 212 25.39 -12.10 -2.69
C THR B 212 25.60 -13.06 -3.86
N SER B 213 24.51 -13.56 -4.43
CA SER B 213 24.63 -14.51 -5.52
C SER B 213 25.17 -13.84 -6.78
N LEU B 214 24.94 -12.55 -6.96
CA LEU B 214 25.39 -11.87 -8.18
C LEU B 214 26.87 -11.50 -8.12
N TRP B 215 27.33 -10.98 -6.99
CA TRP B 215 28.65 -10.37 -6.90
C TRP B 215 29.55 -11.03 -5.87
N HIS B 216 29.07 -12.03 -5.12
CA HIS B 216 29.88 -12.73 -4.13
C HIS B 216 29.61 -14.23 -4.20
N ALA B 217 29.45 -14.75 -5.41
CA ALA B 217 29.02 -16.13 -5.60
C ALA B 217 29.96 -17.14 -4.96
N ALA B 218 31.24 -16.79 -4.75
CA ALA B 218 32.15 -17.71 -4.07
C ALA B 218 31.76 -17.96 -2.62
N CYS B 219 30.94 -17.09 -2.03
CA CYS B 219 30.49 -17.22 -0.66
C CYS B 219 29.12 -17.91 -0.54
N ASN B 220 28.51 -18.29 -1.67
CA ASN B 220 27.24 -19.02 -1.64
C ASN B 220 27.36 -20.27 -0.78
N GLY B 221 26.28 -20.57 -0.03
CA GLY B 221 26.11 -21.87 0.56
C GLY B 221 25.41 -22.78 -0.44
N ASN B 222 24.51 -23.66 0.01
CA ASN B 222 23.85 -24.56 -0.92
C ASN B 222 22.41 -24.14 -1.24
N VAL B 223 21.99 -22.95 -0.81
CA VAL B 223 20.69 -22.40 -1.18
C VAL B 223 20.87 -20.91 -1.47
N ILE B 224 20.27 -20.43 -2.56
CA ILE B 224 20.18 -19.00 -2.86
C ILE B 224 18.78 -18.53 -2.48
N ARG B 225 18.69 -17.53 -1.59
CA ARG B 225 17.42 -16.87 -1.32
C ARG B 225 17.25 -15.73 -2.33
N MET B 226 16.83 -16.10 -3.53
CA MET B 226 16.80 -15.17 -4.66
C MET B 226 15.57 -14.28 -4.57
N GLY B 227 15.80 -12.99 -4.38
CA GLY B 227 14.71 -12.06 -4.24
C GLY B 227 14.60 -11.11 -5.42
N ILE B 228 15.06 -9.88 -5.21
CA ILE B 228 14.81 -8.78 -6.14
C ILE B 228 15.26 -9.12 -7.57
N SER B 229 16.35 -9.89 -7.72
CA SER B 229 16.87 -10.18 -9.06
C SER B 229 15.92 -11.07 -9.85
N LEU B 230 15.14 -11.91 -9.16
CA LEU B 230 14.13 -12.71 -9.84
C LEU B 230 13.11 -11.83 -10.56
N TYR B 231 12.80 -10.66 -9.97
CA TYR B 231 11.86 -9.73 -10.56
C TYR B 231 12.52 -8.83 -11.61
N GLY B 232 13.78 -9.07 -11.92
CA GLY B 232 14.47 -8.34 -12.99
C GLY B 232 15.06 -7.02 -12.59
N LEU B 233 15.30 -6.81 -11.29
CA LEU B 233 15.73 -5.53 -10.78
C LEU B 233 17.08 -5.66 -10.09
N ASN B 234 17.92 -4.65 -10.26
CA ASN B 234 19.29 -4.69 -9.73
C ASN B 234 19.25 -4.45 -8.22
N PRO B 235 19.76 -5.39 -7.41
CA PRO B 235 19.73 -5.20 -5.95
C PRO B 235 20.35 -3.90 -5.49
N SER B 236 21.38 -3.41 -6.18
CA SER B 236 22.14 -2.24 -5.78
C SER B 236 21.54 -0.94 -6.29
N GLY B 237 20.39 -0.99 -6.95
CA GLY B 237 19.86 0.19 -7.59
C GLY B 237 20.71 0.53 -8.80
N ALA B 238 21.52 1.58 -8.69
CA ALA B 238 22.48 1.93 -9.72
C ALA B 238 23.93 1.83 -9.24
N ALA B 239 24.17 1.34 -8.02
CA ALA B 239 25.52 1.37 -7.46
C ALA B 239 26.44 0.37 -8.16
N ILE B 240 25.92 -0.77 -8.58
CA ILE B 240 26.72 -1.80 -9.25
C ILE B 240 26.01 -2.22 -10.53
N PRO B 241 26.17 -1.48 -11.63
CA PRO B 241 25.54 -1.92 -12.89
C PRO B 241 26.17 -3.15 -13.50
N ASP B 242 27.36 -3.54 -13.04
CA ASP B 242 28.10 -4.67 -13.62
C ASP B 242 27.48 -5.99 -13.12
N LEU B 243 26.82 -6.72 -14.01
CA LEU B 243 26.07 -7.95 -13.69
C LEU B 243 26.64 -9.17 -14.40
N PRO B 244 26.54 -10.36 -13.79
CA PRO B 244 26.99 -11.59 -14.46
C PRO B 244 26.08 -12.06 -15.58
N TYR B 245 24.82 -11.65 -15.58
CA TYR B 245 23.88 -11.98 -16.63
C TYR B 245 22.83 -10.86 -16.67
N PRO B 246 22.16 -10.67 -17.79
CA PRO B 246 21.20 -9.56 -17.87
C PRO B 246 19.98 -9.87 -17.03
N LEU B 247 19.38 -8.81 -16.48
CA LEU B 247 18.15 -8.93 -15.72
C LEU B 247 17.01 -8.35 -16.57
N LYS B 248 15.91 -9.08 -16.67
CA LYS B 248 14.78 -8.60 -17.46
C LYS B 248 13.68 -8.15 -16.51
N PRO B 249 13.40 -6.85 -16.44
CA PRO B 249 12.40 -6.36 -15.48
C PRO B 249 11.04 -6.94 -15.79
N ALA B 250 10.35 -7.39 -14.74
CA ALA B 250 9.11 -8.13 -14.91
C ALA B 250 7.87 -7.26 -14.83
N LEU B 251 7.97 -6.03 -14.31
CA LEU B 251 6.80 -5.24 -13.93
C LEU B 251 6.71 -3.96 -14.75
N GLY B 252 5.52 -3.73 -15.33
CA GLY B 252 5.18 -2.43 -15.90
C GLY B 252 3.88 -1.92 -15.30
N ILE B 253 3.60 -0.63 -15.52
CA ILE B 253 2.40 0.01 -14.97
C ILE B 253 1.84 0.94 -16.02
N GLU B 254 0.53 0.84 -16.28
CA GLU B 254 -0.11 1.62 -17.31
CA GLU B 254 -0.12 1.61 -17.32
CA GLU B 254 -0.12 1.59 -17.33
C GLU B 254 -1.50 2.03 -16.87
N SER B 255 -1.98 3.15 -17.42
CA SER B 255 -3.32 3.66 -17.15
C SER B 255 -3.85 4.27 -18.45
N GLU B 256 -4.90 5.07 -18.33
CA GLU B 256 -5.48 5.80 -19.47
C GLU B 256 -5.91 7.17 -19.01
N LEU B 257 -5.98 8.12 -19.95
CA LEU B 257 -6.63 9.38 -19.65
C LEU B 257 -8.13 9.17 -19.51
N VAL B 258 -8.71 9.75 -18.45
CA VAL B 258 -10.16 9.73 -18.27
C VAL B 258 -10.79 11.10 -18.45
N PHE B 259 -9.99 12.16 -18.59
CA PHE B 259 -10.51 13.50 -18.78
C PHE B 259 -9.41 14.34 -19.41
N VAL B 260 -9.79 15.17 -20.38
CA VAL B 260 -8.85 16.03 -21.09
C VAL B 260 -9.49 17.38 -21.31
N LYS B 261 -8.76 18.45 -20.97
CA LYS B 261 -9.27 19.80 -21.13
C LYS B 261 -8.12 20.75 -21.43
N GLN B 262 -8.47 21.88 -22.04
CA GLN B 262 -7.54 22.99 -22.24
C GLN B 262 -7.97 24.13 -21.34
N VAL B 263 -7.03 24.70 -20.58
CA VAL B 263 -7.36 25.65 -19.54
C VAL B 263 -6.73 27.00 -19.86
N ALA B 264 -7.36 28.05 -19.33
CA ALA B 264 -6.86 29.41 -19.52
C ALA B 264 -5.68 29.68 -18.59
N ALA B 265 -4.88 30.68 -18.97
CA ALA B 265 -3.79 31.13 -18.12
C ALA B 265 -4.31 31.47 -16.73
N GLY B 266 -3.55 31.11 -15.71
CA GLY B 266 -3.93 31.34 -14.33
C GLY B 266 -4.82 30.27 -13.72
N SER B 267 -5.26 29.28 -14.50
CA SER B 267 -6.09 28.22 -13.95
C SER B 267 -5.31 27.42 -12.92
N LYS B 268 -5.90 27.22 -11.75
CA LYS B 268 -5.27 26.48 -10.68
C LYS B 268 -5.71 25.03 -10.70
N ILE B 269 -4.76 24.13 -10.48
CA ILE B 269 -4.96 22.69 -10.63
C ILE B 269 -4.64 22.00 -9.31
N GLY B 270 -5.57 21.18 -8.84
CA GLY B 270 -5.33 20.26 -7.75
C GLY B 270 -5.58 20.84 -6.37
N TYR B 271 -5.53 19.96 -5.37
CA TYR B 271 -5.68 20.37 -3.98
C TYR B 271 -4.67 21.45 -3.64
N GLY B 272 -5.09 22.40 -2.82
CA GLY B 272 -4.21 23.48 -2.44
C GLY B 272 -3.92 24.49 -3.53
N ALA B 273 -4.43 24.27 -4.74
CA ALA B 273 -4.22 25.19 -5.86
C ALA B 273 -2.75 25.50 -6.05
N THR B 274 -1.92 24.45 -5.94
CA THR B 274 -0.47 24.60 -5.93
C THR B 274 0.15 24.71 -7.31
N TYR B 275 -0.59 24.45 -8.37
CA TYR B 275 -0.08 24.58 -9.73
C TYR B 275 -0.96 25.55 -10.51
N GLU B 276 -0.34 26.50 -11.17
CA GLU B 276 -1.04 27.51 -11.96
C GLU B 276 -0.67 27.33 -13.43
N ALA B 277 -1.66 27.12 -14.27
CA ALA B 277 -1.43 26.80 -15.66
C ALA B 277 -1.12 28.07 -16.46
N SER B 278 -0.40 27.88 -17.56
CA SER B 278 -0.19 28.93 -18.55
C SER B 278 -1.24 28.82 -19.64
N GLU B 279 -1.32 29.86 -20.46
CA GLU B 279 -2.41 29.96 -21.43
C GLU B 279 -2.43 28.76 -22.36
N GLY B 280 -3.61 28.14 -22.48
CA GLY B 280 -3.82 27.10 -23.46
C GLY B 280 -3.23 25.75 -23.11
N GLU B 281 -2.82 25.54 -21.87
CA GLU B 281 -2.23 24.25 -21.49
C GLU B 281 -3.29 23.15 -21.52
N TRP B 282 -2.89 21.97 -21.97
CA TRP B 282 -3.75 20.80 -21.99
C TRP B 282 -3.50 19.98 -20.74
N ILE B 283 -4.58 19.64 -20.03
CA ILE B 283 -4.49 18.93 -18.76
C ILE B 283 -5.21 17.60 -18.91
N GLY B 284 -4.52 16.51 -18.59
CA GLY B 284 -5.10 15.18 -18.60
C GLY B 284 -5.28 14.68 -17.18
N THR B 285 -6.38 13.98 -16.92
CA THR B 285 -6.63 13.39 -15.62
C THR B 285 -6.50 11.87 -15.74
N ILE B 286 -5.84 11.26 -14.75
CA ILE B 286 -5.49 9.85 -14.78
C ILE B 286 -6.08 9.21 -13.53
N PRO B 287 -6.76 8.05 -13.64
CA PRO B 287 -7.35 7.36 -12.47
C PRO B 287 -6.33 6.53 -11.72
N MET B 288 -5.37 7.23 -11.12
CA MET B 288 -4.34 6.65 -10.28
C MET B 288 -3.99 7.70 -9.24
N GLY B 289 -3.91 7.28 -7.97
CA GLY B 289 -3.61 8.21 -6.90
C GLY B 289 -2.78 7.61 -5.78
N TYR B 290 -2.61 8.35 -4.68
CA TYR B 290 -1.71 7.85 -3.65
C TYR B 290 -2.30 6.64 -2.91
N ALA B 291 -3.63 6.49 -2.90
CA ALA B 291 -4.19 5.26 -2.32
C ALA B 291 -3.79 4.03 -3.10
N ASP B 292 -3.39 4.19 -4.36
CA ASP B 292 -2.86 3.08 -5.14
C ASP B 292 -1.37 2.86 -4.93
N GLY B 293 -0.71 3.75 -4.20
CA GLY B 293 0.72 3.66 -4.03
C GLY B 293 1.51 4.61 -4.89
N TRP B 294 0.86 5.47 -5.66
CA TRP B 294 1.59 6.53 -6.37
C TRP B 294 1.52 7.74 -5.45
N LEU B 295 2.49 7.82 -4.54
CA LEU B 295 2.36 8.73 -3.42
C LEU B 295 2.57 10.17 -3.86
N ARG B 296 2.19 11.08 -2.97
CA ARG B 296 2.22 12.51 -3.27
C ARG B 296 3.62 12.98 -3.62
N ARG B 297 4.65 12.32 -3.09
CA ARG B 297 6.03 12.65 -3.41
C ARG B 297 6.35 12.47 -4.89
N MET B 298 5.46 11.84 -5.67
CA MET B 298 5.70 11.65 -7.09
C MET B 298 5.28 12.87 -7.91
N SER B 299 4.62 13.85 -7.31
CA SER B 299 4.29 15.06 -8.03
C SER B 299 5.57 15.66 -8.61
N GLY B 300 5.50 16.12 -9.85
CA GLY B 300 6.65 16.68 -10.52
C GLY B 300 7.48 15.68 -11.30
N SER B 301 7.28 14.38 -11.09
CA SER B 301 7.89 13.39 -11.95
C SER B 301 7.10 13.33 -13.25
N THR B 302 7.52 12.46 -14.17
CA THR B 302 6.91 12.36 -15.48
C THR B 302 6.32 10.98 -15.74
N VAL B 303 5.27 10.97 -16.54
CA VAL B 303 4.75 9.76 -17.16
C VAL B 303 4.96 9.89 -18.67
N LEU B 304 4.74 8.81 -19.39
CA LEU B 304 4.85 8.83 -20.84
C LEU B 304 3.47 8.70 -21.47
N VAL B 305 3.16 9.61 -22.39
CA VAL B 305 1.97 9.54 -23.23
C VAL B 305 2.44 9.68 -24.66
N ASP B 306 2.17 8.67 -25.48
CA ASP B 306 2.48 8.73 -26.91
C ASP B 306 3.96 9.06 -27.13
N GLY B 307 4.82 8.44 -26.32
CA GLY B 307 6.25 8.64 -26.47
C GLY B 307 6.80 9.94 -25.92
N GLN B 308 5.97 10.75 -25.25
CA GLN B 308 6.40 12.06 -24.79
C GLN B 308 6.25 12.17 -23.27
N ARG B 309 7.18 12.92 -22.66
CA ARG B 309 7.19 13.11 -21.21
C ARG B 309 6.13 14.11 -20.79
N CYS B 310 5.36 13.74 -19.75
CA CYS B 310 4.25 14.53 -19.26
C CYS B 310 4.41 14.66 -17.75
N GLU B 311 4.56 15.89 -17.27
CA GLU B 311 4.78 16.12 -15.85
C GLU B 311 3.49 15.97 -15.07
N ILE B 312 3.55 15.26 -13.95
CA ILE B 312 2.46 15.28 -12.97
C ILE B 312 2.43 16.65 -12.32
N VAL B 313 1.35 17.40 -12.52
CA VAL B 313 1.27 18.79 -12.08
C VAL B 313 0.31 18.89 -10.90
N GLY B 314 0.65 19.76 -9.95
CA GLY B 314 -0.15 19.93 -8.78
C GLY B 314 -0.03 18.72 -7.87
N ARG B 315 -0.88 18.71 -6.84
N ARG B 315 -0.88 18.69 -6.85
CA ARG B 315 -0.86 17.62 -5.89
CA ARG B 315 -0.83 17.61 -5.88
C ARG B 315 -1.51 16.38 -6.48
C ARG B 315 -1.54 16.38 -6.43
N ILE B 316 -1.01 15.22 -6.07
CA ILE B 316 -1.64 13.96 -6.44
C ILE B 316 -2.78 13.72 -5.46
N CYS B 317 -3.94 13.28 -5.96
CA CYS B 317 -5.07 13.02 -5.08
C CYS B 317 -5.11 11.55 -4.67
N MET B 318 -6.10 11.21 -3.83
CA MET B 318 -6.20 9.84 -3.33
C MET B 318 -6.35 8.84 -4.47
N ASP B 319 -7.15 9.20 -5.49
CA ASP B 319 -7.47 8.27 -6.57
C ASP B 319 -7.18 8.82 -7.96
N GLN B 320 -6.75 10.08 -8.07
CA GLN B 320 -6.60 10.71 -9.37
C GLN B 320 -5.39 11.64 -9.33
N MET B 321 -4.84 11.91 -10.51
CA MET B 321 -3.79 12.91 -10.66
C MET B 321 -3.95 13.59 -12.01
N MET B 322 -3.28 14.72 -12.16
CA MET B 322 -3.34 15.51 -13.37
C MET B 322 -1.95 15.64 -13.97
N ILE B 323 -1.87 15.60 -15.31
CA ILE B 323 -0.61 15.77 -16.02
C ILE B 323 -0.76 16.85 -17.07
N ARG B 324 0.37 17.47 -17.41
CA ARG B 324 0.42 18.40 -18.54
C ARG B 324 0.63 17.61 -19.83
N LEU B 325 -0.31 17.72 -20.75
CA LEU B 325 -0.27 17.14 -22.09
C LEU B 325 0.34 18.14 -23.07
N PRO B 326 1.13 17.67 -24.05
CA PRO B 326 1.70 18.62 -25.03
C PRO B 326 0.67 19.14 -26.03
N LYS B 327 -0.45 18.44 -26.18
CA LYS B 327 -1.51 18.78 -27.10
C LYS B 327 -2.72 17.95 -26.70
N ARG B 328 -3.84 18.17 -27.38
CA ARG B 328 -5.05 17.42 -27.10
CA ARG B 328 -5.05 17.42 -27.10
C ARG B 328 -4.85 15.96 -27.45
N TYR B 329 -5.27 15.07 -26.55
CA TYR B 329 -5.33 13.64 -26.79
C TYR B 329 -6.73 13.15 -26.47
N PRO B 330 -7.19 12.10 -27.13
CA PRO B 330 -8.51 11.54 -26.80
C PRO B 330 -8.51 10.91 -25.43
N VAL B 331 -9.66 11.00 -24.75
CA VAL B 331 -9.89 10.18 -23.57
C VAL B 331 -9.75 8.71 -23.96
N GLY B 332 -9.11 7.94 -23.08
CA GLY B 332 -8.75 6.57 -23.37
C GLY B 332 -7.32 6.38 -23.86
N THR B 333 -6.60 7.46 -24.12
CA THR B 333 -5.20 7.34 -24.53
C THR B 333 -4.37 6.71 -23.41
N LYS B 334 -3.54 5.73 -23.77
CA LYS B 334 -2.71 5.03 -22.81
C LYS B 334 -1.69 5.95 -22.15
N VAL B 335 -1.50 5.76 -20.84
CA VAL B 335 -0.46 6.43 -20.07
C VAL B 335 0.47 5.35 -19.53
N VAL B 336 1.78 5.55 -19.67
CA VAL B 336 2.77 4.60 -19.15
C VAL B 336 3.46 5.22 -17.95
N PHE B 337 3.28 4.60 -16.78
CA PHE B 337 4.01 4.97 -15.58
C PHE B 337 5.34 4.24 -15.48
N VAL B 338 5.35 2.94 -15.78
CA VAL B 338 6.56 2.13 -15.80
C VAL B 338 6.56 1.32 -17.08
N GLY B 339 7.62 1.44 -17.88
CA GLY B 339 7.65 0.71 -19.12
C GLY B 339 7.99 1.62 -20.28
N LYS B 340 7.76 1.12 -21.49
CA LYS B 340 8.18 1.81 -22.69
C LYS B 340 7.02 2.51 -23.38
N SER B 341 7.35 3.61 -24.05
CA SER B 341 6.38 4.36 -24.85
C SER B 341 7.17 5.11 -25.91
N GLY B 342 6.93 4.80 -27.18
CA GLY B 342 7.72 5.42 -28.23
C GLY B 342 9.17 5.00 -28.11
N ASP B 343 10.07 5.97 -28.22
CA ASP B 343 11.49 5.75 -28.07
C ASP B 343 11.99 6.01 -26.65
N ASP B 344 11.09 6.22 -25.71
CA ASP B 344 11.44 6.50 -24.32
C ASP B 344 11.01 5.34 -23.43
N GLU B 345 11.39 5.43 -22.16
CA GLU B 345 11.09 4.39 -21.17
C GLU B 345 11.28 4.99 -19.78
N ILE B 346 10.44 4.56 -18.84
CA ILE B 346 10.60 4.90 -17.43
C ILE B 346 10.83 3.60 -16.67
N THR B 347 11.90 3.57 -15.88
CA THR B 347 12.26 2.39 -15.09
C THR B 347 11.88 2.61 -13.62
N LEU B 348 11.74 1.49 -12.90
CA LEU B 348 11.53 1.59 -11.46
C LEU B 348 12.69 2.26 -10.74
N GLN B 349 13.92 2.07 -11.23
CA GLN B 349 15.07 2.69 -10.57
C GLN B 349 14.99 4.21 -10.68
N GLU B 350 14.61 4.72 -11.86
CA GLU B 350 14.46 6.15 -12.04
C GLU B 350 13.39 6.72 -11.10
N LEU B 351 12.26 6.01 -10.97
CA LEU B 351 11.21 6.49 -10.10
C LEU B 351 11.64 6.46 -8.64
N ALA B 352 12.35 5.40 -8.23
CA ALA B 352 12.86 5.33 -6.87
C ALA B 352 13.81 6.48 -6.59
N GLU B 353 14.66 6.82 -7.55
CA GLU B 353 15.56 7.96 -7.39
C GLU B 353 14.77 9.25 -7.19
N TYR B 354 13.75 9.47 -8.03
CA TYR B 354 12.92 10.65 -7.88
C TYR B 354 12.28 10.72 -6.49
N ALA B 355 11.78 9.57 -6.00
CA ALA B 355 11.07 9.49 -4.73
C ALA B 355 11.99 9.43 -3.52
N ASP B 356 13.32 9.48 -3.71
CA ASP B 356 14.29 9.36 -2.62
C ASP B 356 14.07 8.07 -1.82
N THR B 357 13.92 6.97 -2.54
CA THR B 357 13.77 5.65 -1.90
C THR B 357 14.42 4.61 -2.83
N ILE B 358 14.02 3.33 -2.67
CA ILE B 358 14.56 2.22 -3.45
C ILE B 358 13.42 1.55 -4.21
N HIS B 359 13.78 0.87 -5.31
CA HIS B 359 12.71 0.27 -6.12
C HIS B 359 11.96 -0.82 -5.36
N TYR B 360 12.64 -1.50 -4.41
CA TYR B 360 11.94 -2.45 -3.55
C TYR B 360 10.67 -1.84 -2.96
N GLU B 361 10.77 -0.60 -2.49
CA GLU B 361 9.64 0.01 -1.81
C GLU B 361 8.55 0.43 -2.79
N ILE B 362 8.94 0.96 -3.95
CA ILE B 362 7.97 1.32 -4.99
C ILE B 362 7.07 0.13 -5.31
N ILE B 363 7.65 -1.05 -5.54
CA ILE B 363 6.83 -2.18 -5.96
C ILE B 363 6.03 -2.77 -4.80
N CYS B 364 6.62 -2.84 -3.58
CA CYS B 364 5.85 -3.37 -2.46
C CYS B 364 4.73 -2.43 -2.02
N ASP B 365 4.78 -1.15 -2.41
CA ASP B 365 3.77 -0.18 -2.00
C ASP B 365 2.62 -0.09 -2.99
N LEU B 366 2.63 -0.91 -4.05
CA LEU B 366 1.55 -0.89 -5.02
C LEU B 366 0.32 -1.54 -4.41
N SER B 367 -0.79 -0.81 -4.39
CA SER B 367 -1.99 -1.31 -3.75
C SER B 367 -2.61 -2.48 -4.50
N ASP B 368 -3.25 -3.38 -3.75
CA ASP B 368 -4.05 -4.42 -4.40
C ASP B 368 -5.25 -3.86 -5.15
N ARG B 369 -5.58 -2.57 -4.98
CA ARG B 369 -6.62 -1.98 -5.81
C ARG B 369 -6.27 -1.97 -7.28
N ILE B 370 -4.99 -2.09 -7.62
CA ILE B 370 -4.55 -2.19 -9.01
C ILE B 370 -4.51 -3.67 -9.38
N PRO B 371 -5.29 -4.11 -10.36
CA PRO B 371 -5.19 -5.50 -10.80
C PRO B 371 -3.85 -5.78 -11.46
N ARG B 372 -3.35 -6.99 -11.26
CA ARG B 372 -2.16 -7.48 -11.94
C ARG B 372 -2.60 -8.30 -13.14
N VAL B 373 -1.99 -8.06 -14.30
CA VAL B 373 -2.27 -8.83 -15.51
C VAL B 373 -1.01 -9.57 -15.92
N TYR B 374 -1.13 -10.87 -16.18
CA TYR B 374 0.04 -11.73 -16.38
C TYR B 374 0.13 -12.21 -17.82
N THR B 375 1.36 -12.28 -18.33
CA THR B 375 1.60 -12.78 -19.67
C THR B 375 1.40 -14.29 -19.77
N GLY B 376 1.73 -15.02 -18.72
CA GLY B 376 1.88 -16.46 -18.85
C GLY B 376 3.20 -16.81 -19.51
N LEU B 377 3.43 -18.11 -19.67
CA LEU B 377 4.68 -18.64 -20.20
C LEU B 377 4.52 -19.07 -21.65
N ASN B 378 5.51 -18.76 -22.48
CA ASN B 378 5.54 -19.21 -23.87
C ASN B 378 5.50 -20.73 -23.98
#